data_4JRA
#
_entry.id   4JRA
#
_cell.length_a   115.440
_cell.length_b   105.260
_cell.length_c   127.960
_cell.angle_alpha   90.00
_cell.angle_beta   90.02
_cell.angle_gamma   90.00
#
_symmetry.space_group_name_H-M   'C 1 2 1'
#
loop_
_entity.id
_entity.type
_entity.pdbx_description
1 polymer 'Botulinum neurotoxin type A'
2 polymer 'Synaptic vesicle glycoprotein 2C'
3 non-polymer 'CHLORIDE ION'
4 non-polymer 'SODIUM ION'
5 water water
#
loop_
_entity_poly.entity_id
_entity_poly.type
_entity_poly.pdbx_seq_one_letter_code
_entity_poly.pdbx_strand_id
1 'polypeptide(L)'
;MKKHHHHHHGSLVPRGSKNIINTSILNLRYESNHLIDLSRYASKINIGSKVNFDPIDKNQIQLFNLESSKIEVILKNAIV
YNSMYENFSTSFWIRIPKYFNSISLNNEYTIINCMENNSGWKVSLNYGEIIWTLQDTQEIKQRVVFKYSQMINISDYINR
WIFVTITNNRLNNSKIYINGRLIDQKPISNLGNIHASNNIMFKLDGCRDTHRYIWIKYFNLFDKELNEKEIKDLYDNQSN
SGILKDFWGDYLQYDKPYYMLNLYDPNKYVDVNNVGIRGYMYLKGPRGSVMTTNIYLNSSLYRGTKFIIKKYASGNKDNI
VRNNDRVYINVVVKNKEYRLATNASQAGVEKILSALEIPDVGNLSQVVVMKSKNDQGITNKCKMNLQDNNGNDIGFIGFH
QFNNIAKLVASNWYNRQIERSSRTLGCSWEFIPVDDGWGERPL
;
A,B
2 'polypeptide(L)'
;MKKHHHHHHGSLVPRGSDVIKPLQSDEYALLTRNVERDKYANFTINFTMENQIHTGMEYDNGRFIGVKFKSVTFKDSVFK
SCTFEDVTSVNTYFKNCTFIDTVFDNTDFEPYKFIDSEFKNCSFFHNKTGCQITFD
;
C,D
#
loop_
_chem_comp.id
_chem_comp.type
_chem_comp.name
_chem_comp.formula
CL non-polymer 'CHLORIDE ION' 'Cl -1'
NA non-polymer 'SODIUM ION' 'Na 1'
#
# COMPACT_ATOMS: atom_id res chain seq x y z
N THR A 23 27.40 -3.96 -28.12
CA THR A 23 28.74 -4.45 -27.83
C THR A 23 28.89 -5.88 -28.34
N SER A 24 27.91 -6.71 -27.98
CA SER A 24 27.95 -8.15 -28.21
C SER A 24 28.05 -8.53 -29.67
N ILE A 25 28.89 -9.54 -29.93
CA ILE A 25 28.99 -10.16 -31.25
C ILE A 25 28.05 -11.36 -31.33
N LEU A 26 27.71 -11.91 -30.18
CA LEU A 26 26.58 -12.85 -30.09
C LEU A 26 25.69 -12.48 -28.92
N ASN A 27 24.39 -12.50 -29.14
CA ASN A 27 23.44 -12.22 -28.07
C ASN A 27 22.20 -13.10 -28.23
N LEU A 28 22.29 -14.33 -27.72
CA LEU A 28 21.19 -15.29 -27.82
C LEU A 28 20.05 -14.89 -26.90
N ARG A 29 18.95 -14.48 -27.51
CA ARG A 29 17.78 -14.04 -26.78
C ARG A 29 16.54 -14.58 -27.44
N TYR A 30 15.55 -14.92 -26.63
CA TYR A 30 14.26 -15.37 -27.14
C TYR A 30 13.37 -14.17 -27.45
N GLU A 31 12.89 -14.08 -28.68
CA GLU A 31 12.00 -12.98 -29.11
C GLU A 31 10.90 -13.53 -30.01
N SER A 32 9.66 -13.08 -29.77
CA SER A 32 8.48 -13.62 -30.43
C SER A 32 8.33 -15.10 -30.09
N ASN A 33 8.51 -15.98 -31.08
CA ASN A 33 8.40 -17.42 -30.86
C ASN A 33 9.66 -18.16 -31.28
N HIS A 34 10.78 -17.47 -31.25
CA HIS A 34 12.05 -18.01 -31.72
C HIS A 34 13.24 -17.45 -30.93
N LEU A 35 14.26 -18.28 -30.79
CA LEU A 35 15.53 -17.87 -30.20
C LEU A 35 16.36 -17.22 -31.30
N ILE A 36 16.94 -16.06 -31.01
CA ILE A 36 17.70 -15.35 -32.01
C ILE A 36 18.95 -14.68 -31.45
N ASP A 37 19.81 -14.23 -32.37
CA ASP A 37 20.95 -13.40 -32.05
C ASP A 37 20.55 -11.94 -32.20
N LEU A 38 20.68 -11.17 -31.13
CA LEU A 38 20.34 -9.74 -31.15
C LEU A 38 21.53 -8.85 -31.51
N SER A 39 22.62 -9.46 -32.00
CA SER A 39 23.76 -8.70 -32.52
C SER A 39 23.53 -8.42 -33.99
N ARG A 40 24.24 -7.42 -34.52
CA ARG A 40 24.12 -7.05 -35.94
C ARG A 40 24.47 -8.22 -36.85
N TYR A 41 25.28 -9.13 -36.34
CA TYR A 41 25.75 -10.25 -37.14
C TYR A 41 24.63 -11.24 -37.35
N ALA A 42 23.60 -11.12 -36.50
CA ALA A 42 22.36 -11.89 -36.64
C ALA A 42 22.58 -13.32 -37.13
N SER A 43 23.52 -14.02 -36.49
CA SER A 43 23.88 -15.38 -36.88
C SER A 43 22.67 -16.31 -36.80
N LYS A 44 22.67 -17.37 -37.61
CA LYS A 44 21.53 -18.28 -37.73
C LYS A 44 21.60 -19.40 -36.67
N ILE A 45 20.47 -19.66 -36.02
CA ILE A 45 20.40 -20.63 -34.93
C ILE A 45 19.54 -21.80 -35.32
N ASN A 46 20.07 -23.01 -35.16
CA ASN A 46 19.39 -24.24 -35.55
C ASN A 46 18.98 -25.09 -34.35
N ILE A 47 17.74 -24.92 -33.93
CA ILE A 47 17.19 -25.60 -32.77
C ILE A 47 16.69 -27.00 -33.11
N GLY A 48 16.77 -27.91 -32.15
CA GLY A 48 16.33 -29.27 -32.32
C GLY A 48 14.90 -29.49 -31.86
N SER A 49 14.34 -30.63 -32.26
CA SER A 49 12.94 -30.97 -31.98
C SER A 49 12.63 -31.04 -30.48
N LYS A 50 13.65 -31.39 -29.69
CA LYS A 50 13.47 -31.66 -28.26
C LYS A 50 14.24 -30.67 -27.39
N VAL A 51 14.05 -29.38 -27.65
CA VAL A 51 14.53 -28.33 -26.74
C VAL A 51 13.33 -27.71 -26.04
N ASN A 52 13.36 -27.70 -24.71
CA ASN A 52 12.25 -27.17 -23.93
C ASN A 52 12.51 -25.72 -23.50
N PHE A 53 11.45 -24.92 -23.54
CA PHE A 53 11.52 -23.52 -23.10
C PHE A 53 10.56 -23.35 -21.95
N ASP A 54 11.01 -22.69 -20.89
CA ASP A 54 10.13 -22.40 -19.77
C ASP A 54 8.96 -21.50 -20.23
N PRO A 55 7.72 -22.02 -20.21
CA PRO A 55 6.57 -21.22 -20.64
C PRO A 55 6.35 -19.92 -19.88
N ILE A 56 7.16 -19.63 -18.88
CA ILE A 56 6.98 -18.40 -18.09
C ILE A 56 8.10 -17.43 -18.40
N ASP A 57 9.25 -18.00 -18.72
CA ASP A 57 10.40 -17.24 -19.16
C ASP A 57 11.05 -18.13 -20.20
N LYS A 58 10.67 -17.91 -21.45
CA LYS A 58 11.13 -18.72 -22.55
C LYS A 58 12.62 -18.58 -22.79
N ASN A 59 13.20 -17.48 -22.31
CA ASN A 59 14.66 -17.32 -22.34
C ASN A 59 15.36 -18.35 -21.48
N GLN A 60 14.59 -19.08 -20.67
CA GLN A 60 15.14 -20.18 -19.90
C GLN A 60 15.06 -21.44 -20.71
N ILE A 61 16.22 -21.99 -21.01
CA ILE A 61 16.35 -23.05 -22.01
C ILE A 61 16.77 -24.31 -21.29
N GLN A 62 16.18 -25.43 -21.70
CA GLN A 62 16.39 -26.71 -21.04
C GLN A 62 16.88 -27.78 -22.01
N LEU A 63 18.10 -28.26 -21.78
CA LEU A 63 18.73 -29.19 -22.69
C LEU A 63 18.83 -30.56 -22.06
N PHE A 64 18.32 -31.57 -22.76
CA PHE A 64 18.33 -32.95 -22.30
C PHE A 64 19.46 -33.73 -22.93
N ASN A 65 19.77 -34.86 -22.32
CA ASN A 65 20.76 -35.75 -22.88
C ASN A 65 20.18 -36.53 -24.08
N LEU A 66 19.71 -35.81 -25.10
CA LEU A 66 19.14 -36.39 -26.32
C LEU A 66 19.63 -35.63 -27.53
N GLU A 67 20.08 -36.34 -28.56
CA GLU A 67 20.66 -35.73 -29.75
C GLU A 67 19.85 -34.54 -30.30
N SER A 68 18.54 -34.55 -30.04
CA SER A 68 17.63 -33.55 -30.58
C SER A 68 17.57 -32.33 -29.66
N SER A 69 18.04 -32.51 -28.43
CA SER A 69 18.11 -31.41 -27.47
C SER A 69 19.45 -30.73 -27.68
N LYS A 70 19.47 -29.80 -28.63
CA LYS A 70 20.69 -29.12 -29.02
C LYS A 70 20.37 -27.83 -29.77
N ILE A 71 21.10 -26.77 -29.45
CA ILE A 71 21.05 -25.55 -30.24
C ILE A 71 22.39 -25.36 -30.89
N GLU A 72 22.38 -25.00 -32.16
CA GLU A 72 23.60 -24.78 -32.89
C GLU A 72 23.59 -23.34 -33.36
N VAL A 73 24.69 -22.64 -33.14
CA VAL A 73 24.84 -21.28 -33.66
C VAL A 73 25.83 -21.32 -34.80
N ILE A 74 25.36 -21.02 -36.02
CA ILE A 74 26.23 -20.89 -37.17
C ILE A 74 26.68 -19.44 -37.35
N LEU A 75 27.89 -19.17 -36.89
CA LEU A 75 28.38 -17.81 -36.80
C LEU A 75 28.71 -17.28 -38.19
N LYS A 76 28.70 -15.97 -38.34
CA LYS A 76 29.25 -15.34 -39.54
C LYS A 76 30.77 -15.50 -39.54
N ASN A 77 31.34 -15.74 -40.71
CA ASN A 77 32.73 -16.15 -40.78
C ASN A 77 33.71 -15.06 -40.33
N ALA A 78 33.23 -13.81 -40.26
CA ALA A 78 34.06 -12.66 -39.88
C ALA A 78 34.51 -12.75 -38.43
N ILE A 79 33.51 -12.88 -37.56
CA ILE A 79 33.67 -12.89 -36.11
C ILE A 79 34.16 -14.25 -35.62
N VAL A 80 34.39 -15.17 -36.53
CA VAL A 80 34.97 -16.43 -36.15
C VAL A 80 36.38 -16.21 -35.63
N TYR A 81 36.69 -16.88 -34.52
CA TYR A 81 37.96 -16.67 -33.86
C TYR A 81 39.01 -17.47 -34.59
N ASN A 82 40.00 -16.76 -35.10
CA ASN A 82 41.17 -17.39 -35.71
C ASN A 82 42.36 -16.47 -35.49
N SER A 83 42.89 -16.46 -34.27
CA SER A 83 43.92 -15.50 -33.92
C SER A 83 44.78 -16.06 -32.82
N MET A 84 45.85 -15.32 -32.52
CA MET A 84 46.80 -15.68 -31.46
C MET A 84 46.92 -14.53 -30.48
N TYR A 85 46.14 -13.46 -30.70
CA TYR A 85 46.24 -12.27 -29.86
C TYR A 85 44.90 -11.52 -29.64
N GLU A 86 43.81 -11.99 -30.22
CA GLU A 86 42.52 -11.34 -30.00
C GLU A 86 41.88 -11.85 -28.72
N ASN A 87 41.47 -10.92 -27.88
CA ASN A 87 40.90 -11.24 -26.59
C ASN A 87 39.38 -11.40 -26.70
N PHE A 88 38.82 -12.34 -25.95
CA PHE A 88 37.37 -12.52 -25.90
C PHE A 88 36.86 -13.01 -24.55
N SER A 89 35.54 -13.03 -24.43
CA SER A 89 34.87 -13.41 -23.19
C SER A 89 33.50 -14.01 -23.54
N THR A 90 33.00 -14.89 -22.68
CA THR A 90 31.66 -15.45 -22.82
C THR A 90 30.90 -15.33 -21.49
N SER A 91 29.62 -15.01 -21.56
CA SER A 91 28.77 -14.84 -20.37
C SER A 91 27.52 -15.71 -20.52
N PHE A 92 27.00 -16.22 -19.41
CA PHE A 92 25.73 -16.95 -19.38
C PHE A 92 25.32 -17.25 -17.95
N TRP A 93 24.05 -17.62 -17.78
CA TRP A 93 23.54 -18.11 -16.51
C TRP A 93 23.22 -19.57 -16.74
N ILE A 94 23.37 -20.38 -15.70
CA ILE A 94 23.17 -21.81 -15.81
C ILE A 94 22.54 -22.31 -14.51
N ARG A 95 21.60 -23.26 -14.60
CA ARG A 95 21.08 -23.93 -13.41
C ARG A 95 21.37 -25.42 -13.49
N ILE A 96 22.32 -25.89 -12.69
CA ILE A 96 22.79 -27.24 -12.85
C ILE A 96 22.18 -28.09 -11.75
N PRO A 97 21.31 -29.04 -12.13
CA PRO A 97 20.60 -29.82 -11.12
C PRO A 97 21.59 -30.65 -10.36
N LYS A 98 21.25 -31.08 -9.15
CA LYS A 98 22.15 -31.92 -8.37
C LYS A 98 22.45 -33.27 -9.05
N TYR A 99 23.68 -33.73 -8.93
CA TYR A 99 24.03 -35.06 -9.38
C TYR A 99 23.46 -36.12 -8.44
N PHE A 100 22.79 -37.11 -9.00
CA PHE A 100 22.08 -38.12 -8.23
C PHE A 100 22.78 -39.49 -8.25
N ASN A 101 23.59 -39.73 -9.28
CA ASN A 101 24.12 -41.06 -9.59
C ASN A 101 25.65 -41.11 -9.68
N SER A 102 26.21 -42.30 -9.52
CA SER A 102 27.65 -42.47 -9.33
C SER A 102 28.39 -42.56 -10.66
N ILE A 103 27.62 -42.76 -11.73
CA ILE A 103 28.19 -42.80 -13.08
C ILE A 103 28.63 -41.39 -13.52
N SER A 104 28.19 -40.40 -12.76
CA SER A 104 28.38 -38.99 -13.07
C SER A 104 29.58 -38.43 -12.30
N LEU A 105 30.17 -39.21 -11.40
CA LEU A 105 31.43 -38.88 -10.74
C LEU A 105 32.54 -39.19 -11.74
N ASN A 106 33.41 -38.21 -11.97
CA ASN A 106 34.45 -38.33 -12.99
C ASN A 106 33.90 -38.73 -14.39
N ASN A 107 32.90 -37.98 -14.83
CA ASN A 107 32.38 -38.07 -16.18
C ASN A 107 32.23 -36.65 -16.69
N GLU A 108 33.35 -36.06 -17.11
CA GLU A 108 33.32 -34.72 -17.65
C GLU A 108 32.52 -34.76 -18.94
N TYR A 109 31.62 -33.81 -19.11
CA TYR A 109 30.76 -33.78 -20.30
C TYR A 109 30.62 -32.34 -20.84
N THR A 110 30.74 -32.20 -22.14
CA THR A 110 30.79 -30.87 -22.76
C THR A 110 29.36 -30.42 -22.92
N ILE A 111 29.10 -29.12 -22.72
CA ILE A 111 27.76 -28.57 -22.86
C ILE A 111 27.74 -27.44 -23.88
N ILE A 112 28.88 -26.81 -24.09
CA ILE A 112 29.02 -25.80 -25.12
C ILE A 112 30.34 -26.07 -25.80
N ASN A 113 30.36 -26.01 -27.13
CA ASN A 113 31.52 -26.41 -27.91
C ASN A 113 31.78 -25.53 -29.14
N CYS A 114 32.98 -24.97 -29.20
CA CYS A 114 33.47 -24.27 -30.38
C CYS A 114 34.84 -24.84 -30.74
N MET A 115 34.97 -26.16 -30.68
CA MET A 115 36.22 -26.87 -30.99
C MET A 115 36.24 -27.44 -32.41
N GLU A 116 37.19 -27.00 -33.24
CA GLU A 116 37.40 -27.55 -34.60
C GLU A 116 38.82 -28.11 -34.75
N ASN A 117 38.94 -29.43 -34.83
CA ASN A 117 40.24 -30.09 -34.79
C ASN A 117 40.98 -29.76 -33.49
N ASN A 118 40.32 -30.08 -32.38
CA ASN A 118 40.83 -29.88 -31.02
C ASN A 118 41.45 -28.50 -30.80
N SER A 119 40.90 -27.50 -31.49
CA SER A 119 41.31 -26.12 -31.30
C SER A 119 40.07 -25.26 -31.21
N GLY A 120 40.06 -24.36 -30.22
CA GLY A 120 38.93 -23.50 -29.97
C GLY A 120 38.66 -23.48 -28.48
N TRP A 121 37.39 -23.43 -28.09
CA TRP A 121 37.04 -23.42 -26.69
C TRP A 121 35.80 -24.23 -26.43
N LYS A 122 35.57 -24.54 -25.16
CA LYS A 122 34.40 -25.28 -24.76
C LYS A 122 34.15 -25.13 -23.28
N VAL A 123 32.87 -24.94 -22.93
CA VAL A 123 32.41 -25.09 -21.55
C VAL A 123 32.02 -26.56 -21.36
N SER A 124 32.57 -27.19 -20.32
CA SER A 124 32.25 -28.57 -20.01
C SER A 124 31.86 -28.64 -18.52
N LEU A 125 31.09 -29.68 -18.14
CA LEU A 125 30.70 -29.88 -16.76
C LEU A 125 31.12 -31.27 -16.32
N ASN A 126 31.05 -31.50 -15.02
CA ASN A 126 31.49 -32.74 -14.39
C ASN A 126 31.06 -32.60 -12.95
N TYR A 127 31.05 -33.72 -12.21
CA TYR A 127 30.65 -33.73 -10.81
C TYR A 127 31.28 -32.56 -10.08
N GLY A 128 30.47 -31.60 -9.64
CA GLY A 128 30.93 -30.51 -8.80
C GLY A 128 31.86 -29.53 -9.48
N GLU A 129 31.78 -29.42 -10.80
CA GLU A 129 32.68 -28.55 -11.56
C GLU A 129 32.02 -27.96 -12.78
N ILE A 130 32.41 -26.72 -13.08
CA ILE A 130 32.19 -26.12 -14.38
C ILE A 130 33.56 -25.83 -14.94
N ILE A 131 33.82 -26.25 -16.17
CA ILE A 131 35.16 -26.22 -16.70
C ILE A 131 35.21 -25.44 -18.01
N TRP A 132 36.32 -24.75 -18.23
CA TRP A 132 36.58 -24.00 -19.44
C TRP A 132 37.89 -24.49 -20.01
N THR A 133 37.96 -24.72 -21.31
CA THR A 133 39.18 -25.20 -21.96
C THR A 133 39.39 -24.43 -23.25
N LEU A 134 40.60 -23.92 -23.45
CA LEU A 134 41.03 -23.34 -24.72
C LEU A 134 42.06 -24.28 -25.31
N GLN A 135 42.18 -24.34 -26.64
CA GLN A 135 43.23 -25.16 -27.22
C GLN A 135 43.65 -24.64 -28.57
N ASP A 136 44.94 -24.76 -28.89
CA ASP A 136 45.45 -24.25 -30.15
C ASP A 136 45.66 -25.37 -31.15
N THR A 137 46.22 -25.00 -32.29
CA THR A 137 46.40 -25.92 -33.40
C THR A 137 47.56 -26.85 -33.15
N GLN A 138 48.31 -26.57 -32.09
CA GLN A 138 49.54 -27.29 -31.81
C GLN A 138 49.52 -28.03 -30.48
N GLU A 139 48.38 -28.66 -30.16
CA GLU A 139 48.32 -29.67 -29.11
C GLU A 139 48.63 -29.15 -27.70
N ILE A 140 48.40 -27.86 -27.46
CA ILE A 140 48.55 -27.28 -26.13
C ILE A 140 47.22 -26.64 -25.68
N LYS A 141 46.79 -26.95 -24.45
CA LYS A 141 45.55 -26.40 -23.92
C LYS A 141 45.76 -25.70 -22.58
N GLN A 142 44.65 -25.33 -21.94
CA GLN A 142 44.67 -24.84 -20.56
C GLN A 142 43.24 -24.87 -20.05
N ARG A 143 43.08 -25.23 -18.78
CA ARG A 143 41.77 -25.33 -18.15
CA ARG A 143 41.75 -25.28 -18.18
C ARG A 143 41.64 -24.39 -16.95
N VAL A 144 40.49 -23.76 -16.80
CA VAL A 144 40.13 -23.05 -15.57
C VAL A 144 38.90 -23.79 -15.09
N VAL A 145 38.76 -23.95 -13.78
CA VAL A 145 37.70 -24.78 -13.23
C VAL A 145 37.13 -24.11 -12.01
N PHE A 146 35.82 -24.00 -11.94
CA PHE A 146 35.13 -23.65 -10.70
C PHE A 146 34.60 -24.91 -10.06
N LYS A 147 34.98 -25.19 -8.81
CA LYS A 147 34.53 -26.40 -8.12
C LYS A 147 33.48 -26.06 -7.09
N TYR A 148 32.43 -26.87 -6.99
CA TYR A 148 31.45 -26.72 -5.91
C TYR A 148 31.13 -28.05 -5.25
N SER A 149 30.84 -28.00 -3.95
CA SER A 149 30.53 -29.19 -3.16
C SER A 149 29.02 -29.52 -3.10
N GLN A 150 28.74 -30.78 -2.80
CA GLN A 150 27.38 -31.30 -2.62
C GLN A 150 27.26 -31.97 -1.26
N MET A 151 28.38 -32.00 -0.55
CA MET A 151 28.46 -32.36 0.86
C MET A 151 28.45 -31.08 1.68
N ILE A 152 27.29 -30.45 1.79
CA ILE A 152 27.16 -29.09 2.28
C ILE A 152 25.67 -28.86 2.62
N ASN A 153 25.42 -28.17 3.71
CA ASN A 153 24.04 -27.96 4.14
C ASN A 153 23.19 -27.17 3.14
N ILE A 154 23.57 -25.92 2.87
CA ILE A 154 22.87 -25.09 1.90
C ILE A 154 23.89 -24.49 0.93
N SER A 155 23.85 -24.94 -0.32
CA SER A 155 24.75 -24.47 -1.36
C SER A 155 24.25 -23.21 -2.03
N ASP A 156 25.18 -22.40 -2.54
CA ASP A 156 24.84 -21.25 -3.37
C ASP A 156 24.69 -21.69 -4.82
N TYR A 157 25.12 -22.92 -5.11
CA TYR A 157 25.43 -23.36 -6.48
C TYR A 157 24.69 -24.62 -6.98
N ILE A 158 24.20 -25.46 -6.09
CA ILE A 158 23.47 -26.65 -6.55
C ILE A 158 22.04 -26.35 -6.98
N ASN A 159 21.76 -26.59 -8.25
CA ASN A 159 20.42 -26.42 -8.79
C ASN A 159 19.89 -25.00 -8.65
N ARG A 160 20.79 -24.02 -8.65
CA ARG A 160 20.37 -22.62 -8.54
C ARG A 160 21.00 -21.84 -9.68
N TRP A 161 20.25 -20.92 -10.28
CA TRP A 161 20.81 -20.07 -11.33
C TRP A 161 22.04 -19.34 -10.80
N ILE A 162 23.19 -19.67 -11.36
CA ILE A 162 24.42 -18.93 -11.12
C ILE A 162 24.93 -18.26 -12.39
N PHE A 163 25.54 -17.09 -12.23
CA PHE A 163 26.03 -16.29 -13.34
C PHE A 163 27.49 -16.64 -13.59
N VAL A 164 27.77 -17.27 -14.71
CA VAL A 164 29.13 -17.66 -15.06
C VAL A 164 29.64 -16.67 -16.10
N THR A 165 30.88 -16.20 -15.93
CA THR A 165 31.51 -15.32 -16.91
C THR A 165 32.93 -15.81 -17.08
N ILE A 166 33.38 -15.95 -18.32
CA ILE A 166 34.74 -16.37 -18.60
C ILE A 166 35.43 -15.38 -19.53
N THR A 167 36.55 -14.80 -19.09
CA THR A 167 37.29 -13.80 -19.87
C THR A 167 38.65 -14.33 -20.24
N ASN A 168 39.13 -13.94 -21.41
CA ASN A 168 40.42 -14.40 -21.88
C ASN A 168 41.28 -13.24 -22.38
N ASN A 169 42.55 -13.26 -21.96
CA ASN A 169 43.59 -12.33 -22.47
C ASN A 169 44.83 -13.10 -22.89
N ARG A 170 45.18 -12.98 -24.15
CA ARG A 170 46.23 -13.82 -24.77
C ARG A 170 47.64 -13.51 -24.26
N LEU A 171 47.79 -12.35 -23.61
CA LEU A 171 49.08 -11.92 -23.12
C LEU A 171 49.31 -12.45 -21.70
N ASN A 172 48.23 -12.93 -21.07
CA ASN A 172 48.29 -13.46 -19.70
C ASN A 172 47.37 -14.66 -19.45
N ASN A 173 46.17 -14.43 -18.94
CA ASN A 173 45.36 -15.50 -18.37
C ASN A 173 43.91 -15.58 -18.82
N SER A 174 43.33 -16.74 -18.60
CA SER A 174 41.89 -16.98 -18.74
C SER A 174 41.34 -16.90 -17.31
N LYS A 175 40.17 -16.27 -17.13
CA LYS A 175 39.59 -16.10 -15.81
C LYS A 175 38.19 -16.68 -15.72
N ILE A 176 37.89 -17.36 -14.62
CA ILE A 176 36.54 -17.86 -14.36
C ILE A 176 35.90 -17.13 -13.15
N TYR A 177 34.87 -16.34 -13.46
CA TYR A 177 34.09 -15.60 -12.48
C TYR A 177 32.75 -16.25 -12.24
N ILE A 178 32.36 -16.45 -10.99
CA ILE A 178 30.99 -16.88 -10.66
C ILE A 178 30.33 -15.82 -9.78
N ASN A 179 29.08 -15.51 -10.10
CA ASN A 179 28.35 -14.38 -9.53
C ASN A 179 29.15 -13.08 -9.36
N GLY A 180 29.90 -12.72 -10.41
CA GLY A 180 30.66 -11.47 -10.41
C GLY A 180 32.02 -11.57 -9.75
N ARG A 181 32.35 -12.74 -9.20
CA ARG A 181 33.53 -12.90 -8.35
C ARG A 181 34.52 -13.95 -8.85
N LEU A 182 35.79 -13.59 -8.86
CA LEU A 182 36.81 -14.42 -9.47
C LEU A 182 37.05 -15.69 -8.67
N ILE A 183 37.05 -16.81 -9.37
CA ILE A 183 37.21 -18.11 -8.76
C ILE A 183 38.62 -18.60 -8.98
N ASP A 184 39.17 -18.31 -10.15
CA ASP A 184 40.40 -18.93 -10.58
C ASP A 184 40.95 -18.25 -11.83
N GLN A 185 42.27 -18.23 -11.97
CA GLN A 185 42.90 -17.76 -13.21
C GLN A 185 44.11 -18.60 -13.56
N LYS A 186 44.22 -18.94 -14.84
CA LYS A 186 45.22 -19.85 -15.34
C LYS A 186 45.89 -19.22 -16.57
N PRO A 187 47.21 -19.46 -16.74
CA PRO A 187 47.99 -18.87 -17.84
C PRO A 187 47.68 -19.43 -19.25
N ILE A 188 47.66 -18.56 -20.25
CA ILE A 188 47.41 -18.94 -21.64
C ILE A 188 48.32 -18.17 -22.62
N SER A 189 49.44 -17.67 -22.09
CA SER A 189 50.40 -16.89 -22.88
C SER A 189 51.26 -17.84 -23.68
N ASN A 190 51.36 -19.09 -23.24
CA ASN A 190 52.15 -20.08 -23.94
C ASN A 190 51.55 -20.34 -25.31
N LEU A 191 50.23 -20.52 -25.37
CA LEU A 191 49.53 -20.60 -26.64
C LEU A 191 49.79 -19.30 -27.42
N GLY A 192 49.57 -19.27 -28.73
CA GLY A 192 49.14 -20.42 -29.53
C GLY A 192 47.98 -19.97 -30.38
N ASN A 193 48.14 -19.92 -31.70
CA ASN A 193 47.03 -19.54 -32.55
C ASN A 193 45.88 -20.51 -32.33
N ILE A 194 44.72 -19.98 -31.99
CA ILE A 194 43.50 -20.79 -31.82
C ILE A 194 42.64 -20.57 -33.05
N HIS A 195 42.14 -21.68 -33.58
CA HIS A 195 41.19 -21.66 -34.66
C HIS A 195 39.97 -22.39 -34.16
N ALA A 196 38.91 -21.64 -33.86
CA ALA A 196 37.70 -22.21 -33.28
C ALA A 196 36.77 -22.74 -34.37
N SER A 197 35.75 -23.50 -33.97
CA SER A 197 34.71 -23.95 -34.89
C SER A 197 34.00 -22.78 -35.56
N ASN A 198 33.31 -23.06 -36.65
CA ASN A 198 32.54 -22.03 -37.34
C ASN A 198 31.17 -21.92 -36.69
N ASN A 199 30.83 -22.94 -35.89
CA ASN A 199 29.59 -22.91 -35.12
C ASN A 199 29.75 -23.34 -33.67
N ILE A 200 28.82 -22.89 -32.83
CA ILE A 200 28.77 -23.26 -31.42
C ILE A 200 27.63 -24.28 -31.21
N MET A 201 27.92 -25.38 -30.52
CA MET A 201 26.93 -26.41 -30.27
C MET A 201 26.56 -26.48 -28.79
N PHE A 202 25.33 -26.11 -28.48
CA PHE A 202 24.79 -26.27 -27.15
C PHE A 202 24.16 -27.64 -27.04
N LYS A 203 24.81 -28.54 -26.31
CA LYS A 203 24.40 -29.92 -26.30
C LYS A 203 25.25 -30.68 -25.28
N LEU A 204 24.68 -31.65 -24.58
CA LEU A 204 25.47 -32.48 -23.66
C LEU A 204 26.16 -33.57 -24.44
N ASP A 205 27.48 -33.52 -24.53
CA ASP A 205 28.21 -34.49 -25.34
C ASP A 205 29.16 -35.27 -24.43
N GLY A 206 28.99 -36.58 -24.34
CA GLY A 206 29.88 -37.39 -23.52
C GLY A 206 29.31 -37.64 -22.15
N CYS A 207 28.02 -37.32 -21.96
CA CYS A 207 27.36 -37.50 -20.66
C CYS A 207 26.75 -38.90 -20.47
N ARG A 208 27.22 -39.62 -19.47
CA ARG A 208 26.84 -41.02 -19.27
C ARG A 208 25.67 -41.20 -18.30
N ASP A 209 25.08 -40.10 -17.86
CA ASP A 209 23.91 -40.11 -16.99
C ASP A 209 22.69 -39.87 -17.87
N THR A 210 21.83 -40.87 -18.01
CA THR A 210 20.78 -40.84 -19.01
C THR A 210 19.68 -39.82 -18.70
N HIS A 211 19.45 -39.57 -17.41
CA HIS A 211 18.56 -38.51 -16.96
C HIS A 211 19.46 -37.40 -16.46
N ARG A 212 19.83 -36.52 -17.37
CA ARG A 212 20.69 -35.39 -17.07
C ARG A 212 20.21 -34.22 -17.92
N TYR A 213 20.36 -33.00 -17.40
CA TYR A 213 20.08 -31.82 -18.20
C TYR A 213 20.80 -30.63 -17.57
N ILE A 214 20.73 -29.49 -18.23
CA ILE A 214 21.13 -28.24 -17.62
C ILE A 214 20.02 -27.28 -17.95
N TRP A 215 20.04 -26.14 -17.29
CA TRP A 215 19.22 -25.01 -17.71
C TRP A 215 20.21 -23.96 -18.11
N ILE A 216 19.92 -23.22 -19.18
CA ILE A 216 20.81 -22.17 -19.65
C ILE A 216 20.00 -20.95 -20.08
N LYS A 217 20.58 -19.76 -19.95
CA LYS A 217 19.93 -18.54 -20.41
C LYS A 217 20.88 -17.36 -20.48
N TYR A 218 20.57 -16.41 -21.36
CA TYR A 218 21.29 -15.13 -21.54
C TYR A 218 22.71 -15.28 -22.07
N PHE A 219 22.89 -16.12 -23.08
CA PHE A 219 24.24 -16.41 -23.57
C PHE A 219 24.82 -15.25 -24.42
N ASN A 220 26.01 -14.80 -24.03
CA ASN A 220 26.66 -13.68 -24.69
C ASN A 220 28.11 -13.97 -25.08
N LEU A 221 28.57 -13.39 -26.17
CA LEU A 221 29.99 -13.38 -26.53
C LEU A 221 30.47 -11.95 -26.69
N PHE A 222 31.71 -11.67 -26.28
CA PHE A 222 32.30 -10.33 -26.36
C PHE A 222 33.65 -10.34 -27.02
N ASP A 223 33.93 -9.27 -27.77
CA ASP A 223 35.17 -9.16 -28.52
C ASP A 223 36.29 -8.53 -27.68
N LYS A 224 36.30 -8.80 -26.38
CA LYS A 224 37.35 -8.30 -25.51
C LYS A 224 37.30 -8.98 -24.16
N GLU A 225 38.35 -8.81 -23.37
CA GLU A 225 38.38 -9.28 -22.01
C GLU A 225 37.63 -8.27 -21.13
N LEU A 226 36.43 -8.62 -20.67
CA LEU A 226 35.65 -7.77 -19.75
C LEU A 226 36.39 -7.56 -18.43
N ASN A 227 36.23 -6.37 -17.85
CA ASN A 227 36.85 -6.08 -16.57
C ASN A 227 35.87 -6.42 -15.45
N GLU A 228 36.33 -6.34 -14.21
CA GLU A 228 35.61 -6.89 -13.08
C GLU A 228 34.41 -6.03 -12.67
N LYS A 229 34.25 -4.85 -13.30
CA LYS A 229 33.09 -3.99 -13.03
C LYS A 229 31.98 -4.19 -14.05
N GLU A 230 32.39 -4.42 -15.30
CA GLU A 230 31.49 -4.75 -16.39
C GLU A 230 30.71 -6.03 -16.10
N ILE A 231 31.32 -6.93 -15.33
CA ILE A 231 30.72 -8.23 -15.01
C ILE A 231 29.75 -8.10 -13.85
N LYS A 232 30.15 -7.39 -12.80
CA LYS A 232 29.24 -7.03 -11.73
C LYS A 232 28.00 -6.33 -12.28
N ASP A 233 28.21 -5.39 -13.21
CA ASP A 233 27.08 -4.67 -13.80
C ASP A 233 26.16 -5.58 -14.60
N LEU A 234 26.72 -6.57 -15.26
CA LEU A 234 25.92 -7.50 -16.05
C LEU A 234 25.21 -8.47 -15.12
N TYR A 235 25.84 -8.73 -13.99
CA TYR A 235 25.24 -9.58 -12.99
C TYR A 235 24.03 -8.90 -12.40
N ASP A 236 24.11 -7.60 -12.21
CA ASP A 236 23.07 -6.84 -11.52
C ASP A 236 21.87 -6.51 -12.40
N ASN A 237 22.06 -6.43 -13.72
CA ASN A 237 20.97 -6.06 -14.62
C ASN A 237 20.18 -7.28 -15.07
N GLN A 238 20.89 -8.39 -15.26
CA GLN A 238 20.31 -9.64 -15.72
C GLN A 238 19.69 -10.39 -14.57
N SER A 239 19.82 -9.86 -13.37
N SER A 239 19.83 -9.83 -13.37
CA SER A 239 19.27 -10.49 -12.18
CA SER A 239 19.28 -10.44 -12.15
C SER A 239 17.81 -10.11 -11.99
C SER A 239 17.81 -10.11 -11.99
N ASN A 240 17.29 -9.23 -12.85
CA ASN A 240 15.88 -8.85 -12.81
C ASN A 240 15.46 -8.40 -11.42
N SER A 241 16.27 -7.51 -10.85
CA SER A 241 15.84 -6.71 -9.72
C SER A 241 14.48 -6.08 -10.08
N GLY A 242 13.46 -6.35 -9.27
CA GLY A 242 12.12 -5.85 -9.54
C GLY A 242 11.14 -7.00 -9.70
N ILE A 243 11.66 -8.22 -9.67
CA ILE A 243 10.82 -9.41 -9.66
C ILE A 243 11.40 -10.38 -8.66
N LEU A 244 10.65 -10.64 -7.59
CA LEU A 244 11.09 -11.52 -6.54
C LEU A 244 11.44 -12.87 -7.12
N LYS A 245 12.36 -13.58 -6.48
CA LYS A 245 12.79 -14.90 -6.94
C LYS A 245 12.52 -15.93 -5.86
N ASP A 246 12.42 -17.20 -6.27
CA ASP A 246 12.49 -18.29 -5.30
C ASP A 246 13.94 -18.70 -5.02
N PHE A 247 14.07 -19.71 -4.17
CA PHE A 247 15.38 -20.22 -3.79
C PHE A 247 16.25 -20.53 -5.01
N TRP A 248 15.64 -21.10 -6.05
CA TRP A 248 16.35 -21.62 -7.23
C TRP A 248 16.75 -20.55 -8.25
N GLY A 249 16.07 -19.41 -8.23
CA GLY A 249 16.43 -18.28 -9.08
C GLY A 249 15.35 -17.89 -10.06
N ASP A 250 14.32 -18.71 -10.19
CA ASP A 250 13.21 -18.42 -11.09
C ASP A 250 12.34 -17.36 -10.48
N TYR A 251 11.40 -16.86 -11.26
CA TYR A 251 10.43 -15.91 -10.78
C TYR A 251 9.57 -16.49 -9.67
N LEU A 252 9.34 -15.69 -8.64
CA LEU A 252 8.43 -16.04 -7.57
C LEU A 252 7.02 -15.98 -8.12
N GLN A 253 6.16 -16.89 -7.67
CA GLN A 253 4.83 -17.04 -8.25
C GLN A 253 3.69 -17.02 -7.22
N TYR A 254 2.49 -16.70 -7.71
CA TYR A 254 1.25 -16.82 -6.94
C TYR A 254 0.62 -18.20 -7.04
N ASP A 255 -0.08 -18.58 -5.99
CA ASP A 255 -0.82 -19.84 -5.95
C ASP A 255 0.13 -21.00 -6.15
N LYS A 256 1.32 -20.91 -5.56
CA LYS A 256 2.35 -21.93 -5.70
C LYS A 256 3.01 -22.25 -4.33
N PRO A 257 2.90 -23.51 -3.85
CA PRO A 257 3.44 -23.84 -2.52
C PRO A 257 4.95 -23.66 -2.41
N TYR A 258 5.44 -23.05 -1.34
CA TYR A 258 6.87 -22.90 -1.13
C TYR A 258 7.21 -23.38 0.27
N TYR A 259 8.19 -24.27 0.40
CA TYR A 259 8.76 -24.52 1.72
C TYR A 259 9.68 -23.34 2.10
N MET A 260 9.76 -23.00 3.39
CA MET A 260 10.41 -21.76 3.80
C MET A 260 11.78 -21.98 4.46
N LEU A 261 12.76 -21.18 4.05
CA LEU A 261 14.10 -21.27 4.58
C LEU A 261 14.55 -19.92 5.17
N ASN A 262 14.88 -19.92 6.45
CA ASN A 262 15.31 -18.70 7.13
C ASN A 262 16.84 -18.69 7.13
N LEU A 263 17.44 -17.68 6.50
CA LEU A 263 18.90 -17.64 6.35
C LEU A 263 19.64 -17.34 7.66
N TYR A 264 19.05 -16.45 8.46
CA TYR A 264 19.57 -16.14 9.78
C TYR A 264 19.70 -17.38 10.62
N ASP A 265 18.63 -18.16 10.69
CA ASP A 265 18.66 -19.47 11.32
C ASP A 265 18.23 -20.55 10.31
N PRO A 266 19.19 -21.19 9.62
CA PRO A 266 18.83 -22.17 8.57
C PRO A 266 18.70 -23.62 9.03
N ASN A 267 19.07 -23.97 10.27
CA ASN A 267 18.84 -25.31 10.78
C ASN A 267 17.51 -25.38 11.52
N LYS A 268 16.55 -24.56 11.09
CA LYS A 268 15.22 -24.57 11.65
C LYS A 268 14.20 -24.43 10.52
N TYR A 269 13.06 -25.08 10.69
CA TYR A 269 11.94 -24.95 9.76
C TYR A 269 10.69 -24.38 10.45
N VAL A 270 9.76 -23.87 9.66
CA VAL A 270 8.55 -23.24 10.16
C VAL A 270 7.49 -24.26 10.59
N ASP A 271 6.82 -23.98 11.71
CA ASP A 271 5.76 -24.85 12.18
C ASP A 271 4.68 -24.02 12.84
N VAL A 272 3.53 -24.63 13.08
CA VAL A 272 2.43 -24.02 13.80
C VAL A 272 2.14 -24.98 14.94
N ASN A 273 2.17 -24.49 16.18
CA ASN A 273 1.76 -25.34 17.28
C ASN A 273 0.23 -25.54 17.24
N ASN A 274 -0.50 -24.44 17.04
CA ASN A 274 -1.93 -24.53 16.82
C ASN A 274 -2.42 -23.40 15.94
N VAL A 275 -3.49 -23.70 15.22
CA VAL A 275 -4.12 -22.73 14.33
C VAL A 275 -4.98 -21.81 15.16
N GLY A 276 -5.12 -20.58 14.68
CA GLY A 276 -5.93 -19.56 15.33
C GLY A 276 -5.10 -18.55 16.07
N ILE A 277 -5.69 -17.39 16.39
CA ILE A 277 -5.03 -16.35 17.19
C ILE A 277 -4.61 -16.87 18.56
N ARG A 278 -5.07 -18.07 18.86
CA ARG A 278 -4.66 -18.79 20.05
C ARG A 278 -3.20 -19.19 19.96
N GLY A 279 -2.81 -19.68 18.79
CA GLY A 279 -1.53 -20.33 18.62
C GLY A 279 -0.53 -19.42 17.96
N TYR A 280 0.54 -20.00 17.40
CA TYR A 280 1.60 -19.20 16.80
C TYR A 280 2.34 -19.98 15.76
N MET A 281 2.91 -19.29 14.78
CA MET A 281 3.88 -19.90 13.87
C MET A 281 5.24 -19.79 14.55
N TYR A 282 6.10 -20.78 14.38
CA TYR A 282 7.40 -20.71 15.00
C TYR A 282 8.46 -21.44 14.19
N LEU A 283 9.74 -21.22 14.53
CA LEU A 283 10.85 -21.92 13.90
C LEU A 283 11.26 -23.15 14.73
N LYS A 284 11.02 -24.34 14.16
CA LYS A 284 11.29 -25.60 14.83
C LYS A 284 12.55 -26.26 14.30
N GLY A 285 13.30 -26.89 15.19
CA GLY A 285 14.55 -27.54 14.82
C GLY A 285 14.67 -28.93 15.40
N PRO A 286 15.65 -29.71 14.91
CA PRO A 286 16.54 -29.36 13.80
C PRO A 286 16.00 -29.86 12.46
N ARG A 287 15.99 -29.02 11.42
CA ARG A 287 15.64 -29.47 10.08
C ARG A 287 16.68 -30.48 9.65
N GLY A 288 16.25 -31.57 9.01
CA GLY A 288 17.14 -32.70 8.83
C GLY A 288 18.02 -32.65 7.59
N SER A 289 18.28 -33.83 7.05
CA SER A 289 19.22 -33.97 5.97
C SER A 289 18.65 -34.84 4.86
N VAL A 290 19.18 -34.66 3.65
CA VAL A 290 18.98 -35.58 2.54
C VAL A 290 20.37 -36.11 2.20
N MET A 291 20.44 -37.34 1.72
CA MET A 291 21.71 -38.04 1.63
C MET A 291 21.64 -39.13 0.57
N THR A 292 22.55 -39.06 -0.39
CA THR A 292 22.87 -40.17 -1.27
C THR A 292 24.31 -40.51 -1.03
N THR A 293 24.58 -41.81 -0.88
CA THR A 293 25.91 -42.33 -0.55
C THR A 293 26.97 -41.96 -1.60
N ASN A 294 27.99 -41.23 -1.15
CA ASN A 294 29.09 -40.77 -2.00
C ASN A 294 28.70 -39.77 -3.08
N ILE A 295 27.51 -39.18 -2.97
CA ILE A 295 27.02 -38.27 -4.01
C ILE A 295 26.69 -36.93 -3.39
N TYR A 296 25.94 -36.96 -2.30
CA TYR A 296 25.66 -35.73 -1.57
C TYR A 296 25.17 -36.00 -0.17
N LEU A 297 25.38 -35.02 0.68
CA LEU A 297 24.76 -34.94 1.99
C LEU A 297 24.37 -33.48 2.16
N ASN A 298 23.07 -33.18 2.19
CA ASN A 298 22.58 -31.80 2.33
C ASN A 298 21.54 -31.64 3.43
N SER A 299 21.22 -30.41 3.80
CA SER A 299 20.09 -30.14 4.66
C SER A 299 18.81 -30.37 3.87
N SER A 300 17.78 -30.86 4.54
CA SER A 300 16.48 -31.06 3.91
C SER A 300 15.84 -29.70 3.65
N LEU A 301 15.17 -29.54 2.51
CA LEU A 301 14.58 -28.26 2.12
C LEU A 301 13.06 -28.32 2.07
N TYR A 302 12.51 -29.53 2.07
CA TYR A 302 11.06 -29.73 1.94
C TYR A 302 10.46 -30.00 3.31
N ARG A 303 10.48 -28.98 4.17
CA ARG A 303 10.16 -29.14 5.59
C ARG A 303 9.15 -28.11 6.12
N GLY A 304 8.20 -28.59 6.92
CA GLY A 304 7.32 -27.71 7.68
C GLY A 304 6.11 -27.23 6.90
N THR A 305 5.50 -26.15 7.37
CA THR A 305 4.29 -25.60 6.78
C THR A 305 4.60 -24.79 5.51
N LYS A 306 3.87 -25.07 4.44
CA LYS A 306 4.12 -24.40 3.17
C LYS A 306 3.37 -23.10 3.16
N PHE A 307 3.97 -22.08 2.54
CA PHE A 307 3.28 -20.82 2.29
C PHE A 307 2.78 -20.80 0.84
N ILE A 308 1.72 -20.03 0.60
CA ILE A 308 1.26 -19.75 -0.75
C ILE A 308 0.99 -18.25 -0.83
N ILE A 309 1.60 -17.59 -1.81
CA ILE A 309 1.41 -16.16 -1.95
C ILE A 309 0.15 -15.92 -2.75
N LYS A 310 -0.82 -15.24 -2.14
CA LYS A 310 -2.09 -14.94 -2.78
C LYS A 310 -2.12 -13.48 -3.22
N LYS A 311 -2.64 -13.20 -4.41
CA LYS A 311 -2.85 -11.84 -4.88
C LYS A 311 -3.84 -11.09 -4.00
N TYR A 312 -3.57 -9.83 -3.72
CA TYR A 312 -4.58 -8.99 -3.11
C TYR A 312 -5.50 -8.51 -4.22
N ALA A 313 -4.90 -7.97 -5.28
CA ALA A 313 -5.62 -7.49 -6.45
C ALA A 313 -5.63 -8.54 -7.56
N SER A 314 -6.80 -9.12 -7.82
CA SER A 314 -6.95 -10.07 -8.92
C SER A 314 -7.19 -9.28 -10.22
N GLY A 315 -6.11 -8.87 -10.86
CA GLY A 315 -6.20 -8.05 -12.06
C GLY A 315 -4.83 -7.92 -12.73
N ASP A 318 -1.06 -12.67 -15.19
CA ASP A 318 0.35 -12.85 -14.83
C ASP A 318 0.49 -13.23 -13.36
N ASN A 319 1.15 -14.35 -13.10
CA ASN A 319 1.34 -14.84 -11.73
C ASN A 319 2.75 -14.64 -11.21
N ILE A 320 3.38 -13.56 -11.64
CA ILE A 320 4.73 -13.24 -11.20
C ILE A 320 4.65 -12.22 -10.06
N VAL A 321 5.34 -12.51 -8.96
CA VAL A 321 5.35 -11.63 -7.81
C VAL A 321 6.43 -10.58 -7.97
N ARG A 322 6.02 -9.32 -8.02
CA ARG A 322 6.93 -8.21 -8.26
C ARG A 322 7.08 -7.33 -7.02
N ASN A 323 8.18 -6.60 -6.95
CA ASN A 323 8.43 -5.63 -5.88
C ASN A 323 7.24 -4.73 -5.58
N ASN A 324 6.89 -4.61 -4.30
CA ASN A 324 5.79 -3.74 -3.81
C ASN A 324 4.40 -4.27 -4.15
N ASP A 325 4.32 -5.56 -4.45
CA ASP A 325 3.04 -6.20 -4.67
C ASP A 325 2.44 -6.54 -3.31
N ARG A 326 1.30 -5.94 -3.03
CA ARG A 326 0.51 -6.25 -1.83
C ARG A 326 -0.14 -7.64 -1.97
N VAL A 327 0.11 -8.51 -1.00
CA VAL A 327 -0.38 -9.89 -1.06
C VAL A 327 -0.99 -10.34 0.26
N TYR A 328 -1.50 -11.56 0.27
CA TYR A 328 -1.80 -12.28 1.49
C TYR A 328 -0.80 -13.39 1.52
N ILE A 329 -0.70 -14.07 2.64
CA ILE A 329 0.11 -15.26 2.75
C ILE A 329 -0.75 -16.36 3.33
N ASN A 330 -0.96 -17.42 2.55
CA ASN A 330 -1.67 -18.59 3.03
C ASN A 330 -0.68 -19.54 3.67
N VAL A 331 -1.17 -20.44 4.52
CA VAL A 331 -0.33 -21.36 5.27
C VAL A 331 -1.02 -22.71 5.30
N VAL A 332 -0.28 -23.76 4.96
CA VAL A 332 -0.80 -25.12 4.91
C VAL A 332 -0.47 -25.87 6.19
N VAL A 333 -1.50 -26.24 6.95
CA VAL A 333 -1.33 -27.07 8.15
C VAL A 333 -2.21 -28.32 8.04
N LYS A 334 -1.58 -29.48 8.16
CA LYS A 334 -2.26 -30.77 8.09
C LYS A 334 -3.14 -30.84 6.85
N ASN A 335 -2.56 -30.35 5.75
CA ASN A 335 -3.15 -30.37 4.40
C ASN A 335 -4.13 -29.23 4.10
N LYS A 336 -4.44 -28.41 5.10
CA LYS A 336 -5.45 -27.35 4.97
C LYS A 336 -4.85 -25.96 4.88
N GLU A 337 -5.47 -25.12 4.05
CA GLU A 337 -5.00 -23.76 3.78
C GLU A 337 -5.52 -22.74 4.81
N TYR A 338 -4.58 -22.02 5.44
CA TYR A 338 -4.88 -21.02 6.48
C TYR A 338 -4.36 -19.67 6.06
N ARG A 339 -4.31 -18.73 6.98
CA ARG A 339 -3.93 -17.36 6.66
C ARG A 339 -2.94 -16.85 7.68
N LEU A 340 -1.88 -16.20 7.22
CA LEU A 340 -0.92 -15.55 8.12
C LEU A 340 -1.50 -14.21 8.56
N ALA A 341 -1.64 -14.02 9.87
CA ALA A 341 -2.24 -12.80 10.39
C ALA A 341 -1.67 -12.49 11.75
N THR A 342 -1.99 -11.30 12.27
CA THR A 342 -1.60 -10.86 13.60
C THR A 342 -2.47 -9.68 14.03
N ASN A 343 -2.54 -9.44 15.34
CA ASN A 343 -3.02 -8.18 15.88
C ASN A 343 -1.84 -7.33 16.28
N ALA A 344 -1.69 -6.17 15.62
CA ALA A 344 -0.58 -5.27 15.88
C ALA A 344 -0.86 -4.34 17.07
N SER A 345 -2.11 -4.31 17.51
CA SER A 345 -2.45 -3.56 18.71
C SER A 345 -2.04 -4.32 19.99
N GLN A 346 -1.56 -5.55 19.85
CA GLN A 346 -1.04 -6.29 21.00
C GLN A 346 0.17 -5.52 21.58
N ALA A 347 0.37 -5.63 22.90
CA ALA A 347 1.44 -4.90 23.60
C ALA A 347 2.82 -5.48 23.29
N GLY A 348 3.79 -4.60 23.06
CA GLY A 348 5.16 -5.02 22.83
C GLY A 348 5.70 -4.53 21.50
N VAL A 349 6.99 -4.81 21.28
CA VAL A 349 7.70 -4.31 20.11
C VAL A 349 7.50 -5.21 18.88
N GLU A 350 7.54 -6.52 19.10
CA GLU A 350 7.32 -7.48 18.04
C GLU A 350 5.89 -8.00 18.12
N LYS A 351 5.22 -8.06 16.98
CA LYS A 351 3.85 -8.55 16.89
C LYS A 351 3.87 -10.00 16.41
N ILE A 352 3.56 -10.92 17.31
CA ILE A 352 3.61 -12.34 17.03
C ILE A 352 2.53 -12.77 16.05
N LEU A 353 2.91 -13.62 15.10
CA LEU A 353 2.05 -14.06 14.01
C LEU A 353 1.37 -15.42 14.27
N SER A 354 0.15 -15.57 13.74
CA SER A 354 -0.62 -16.80 13.88
C SER A 354 -1.17 -17.17 12.51
N ALA A 355 -1.51 -18.45 12.34
CA ALA A 355 -2.17 -18.94 11.14
C ALA A 355 -3.66 -18.96 11.40
N LEU A 356 -4.40 -18.08 10.74
CA LEU A 356 -5.84 -17.97 10.98
C LEU A 356 -6.63 -18.78 9.96
N GLU A 357 -7.77 -19.31 10.37
CA GLU A 357 -8.76 -19.80 9.43
C GLU A 357 -9.11 -18.58 8.57
N ILE A 358 -9.40 -18.77 7.29
CA ILE A 358 -9.46 -17.63 6.38
C ILE A 358 -10.75 -16.80 6.49
N PRO A 359 -11.93 -17.45 6.58
CA PRO A 359 -13.13 -16.60 6.76
C PRO A 359 -13.28 -15.95 8.15
N ASP A 360 -12.23 -15.97 8.96
CA ASP A 360 -12.29 -15.50 10.34
C ASP A 360 -11.15 -14.54 10.73
N VAL A 361 -10.44 -14.02 9.72
CA VAL A 361 -9.36 -13.05 9.97
C VAL A 361 -9.89 -11.70 10.49
N GLY A 362 -11.13 -11.38 10.13
CA GLY A 362 -11.76 -10.17 10.59
C GLY A 362 -10.93 -9.03 10.06
N ASN A 363 -10.54 -8.12 10.94
CA ASN A 363 -9.77 -6.93 10.57
C ASN A 363 -8.36 -7.01 11.16
N LEU A 364 -7.90 -8.23 11.45
CA LEU A 364 -6.51 -8.43 11.80
C LEU A 364 -5.64 -8.10 10.61
N SER A 365 -4.38 -7.74 10.88
CA SER A 365 -3.39 -7.44 9.83
C SER A 365 -2.88 -8.71 9.14
N GLN A 366 -2.94 -8.71 7.81
CA GLN A 366 -2.57 -9.88 7.01
C GLN A 366 -1.97 -9.50 5.65
N VAL A 367 -2.24 -8.28 5.19
CA VAL A 367 -1.73 -7.79 3.90
C VAL A 367 -0.23 -7.50 3.97
N VAL A 368 0.52 -8.06 3.02
CA VAL A 368 1.97 -8.07 3.06
C VAL A 368 2.50 -7.42 1.79
N VAL A 369 3.39 -6.45 1.93
CA VAL A 369 4.07 -5.89 0.78
C VAL A 369 5.34 -6.71 0.53
N MET A 370 5.45 -7.26 -0.67
CA MET A 370 6.56 -8.15 -1.02
C MET A 370 7.75 -7.33 -1.51
N LYS A 371 8.96 -7.63 -1.02
CA LYS A 371 10.13 -6.80 -1.32
C LYS A 371 11.29 -7.53 -2.03
N SER A 372 11.61 -7.02 -3.22
CA SER A 372 12.79 -7.46 -3.95
C SER A 372 14.03 -6.57 -3.61
N LYS A 373 13.80 -5.27 -3.42
CA LYS A 373 14.90 -4.32 -3.21
C LYS A 373 14.43 -2.99 -2.61
N ASN A 374 15.38 -2.07 -2.44
CA ASN A 374 15.11 -0.70 -2.00
C ASN A 374 15.63 0.34 -2.98
N ILE A 378 20.72 -2.18 -3.16
CA ILE A 378 19.36 -1.96 -2.70
C ILE A 378 18.63 -3.27 -2.50
N THR A 379 19.14 -4.33 -3.11
CA THR A 379 18.52 -5.64 -3.01
C THR A 379 18.62 -6.08 -1.55
N ASN A 380 17.64 -6.88 -1.11
CA ASN A 380 17.62 -7.45 0.24
C ASN A 380 16.86 -8.77 0.29
N LYS A 381 17.36 -9.69 1.10
CA LYS A 381 16.71 -10.99 1.23
C LYS A 381 15.45 -10.90 2.13
N CYS A 382 15.24 -9.74 2.75
CA CYS A 382 14.07 -9.50 3.62
C CYS A 382 12.85 -9.21 2.77
N LYS A 383 11.94 -10.17 2.65
CA LYS A 383 10.98 -10.17 1.54
C LYS A 383 9.51 -9.79 1.80
N MET A 384 9.05 -9.87 3.05
CA MET A 384 7.64 -9.65 3.39
C MET A 384 7.39 -8.60 4.46
N ASN A 385 6.88 -7.44 4.06
CA ASN A 385 6.61 -6.35 5.01
C ASN A 385 5.14 -6.27 5.42
N LEU A 386 4.85 -6.59 6.67
CA LEU A 386 3.49 -6.69 7.14
C LEU A 386 2.89 -5.32 7.44
N GLN A 387 1.67 -5.10 6.94
CA GLN A 387 0.96 -3.85 7.12
C GLN A 387 -0.41 -4.06 7.76
N ASP A 388 -1.01 -2.99 8.28
CA ASP A 388 -2.43 -3.02 8.64
C ASP A 388 -3.27 -2.57 7.45
N ASN A 389 -4.56 -2.41 7.67
CA ASN A 389 -5.49 -2.13 6.57
C ASN A 389 -5.66 -0.64 6.34
N ASN A 390 -4.85 0.16 7.04
CA ASN A 390 -4.88 1.61 6.89
C ASN A 390 -3.52 2.17 6.53
N GLY A 391 -2.67 1.29 6.00
CA GLY A 391 -1.45 1.72 5.32
C GLY A 391 -0.22 1.85 6.19
N ASN A 392 -0.26 1.33 7.41
CA ASN A 392 0.85 1.53 8.32
C ASN A 392 1.70 0.29 8.41
N ASP A 393 3.01 0.47 8.43
CA ASP A 393 3.93 -0.65 8.55
C ASP A 393 3.89 -1.31 9.93
N ILE A 394 3.60 -2.59 9.92
CA ILE A 394 3.68 -3.41 11.12
C ILE A 394 5.07 -4.02 11.21
N GLY A 395 5.64 -4.35 10.06
CA GLY A 395 7.04 -4.75 10.02
C GLY A 395 7.38 -5.93 9.12
N PHE A 396 8.67 -6.20 8.95
CA PHE A 396 9.14 -7.31 8.16
C PHE A 396 8.97 -8.61 8.94
N ILE A 397 8.41 -9.63 8.30
CA ILE A 397 8.17 -10.91 8.96
C ILE A 397 9.50 -11.62 9.22
N GLY A 398 9.75 -11.99 10.47
CA GLY A 398 10.99 -12.64 10.85
C GLY A 398 10.77 -13.52 12.05
N PHE A 399 11.57 -13.41 13.10
CA PHE A 399 11.33 -14.25 14.28
C PHE A 399 11.96 -13.68 15.54
N HIS A 400 11.51 -14.19 16.69
CA HIS A 400 12.03 -13.73 17.96
C HIS A 400 11.88 -14.81 19.02
N GLN A 401 12.80 -14.81 19.99
CA GLN A 401 12.82 -15.82 21.05
C GLN A 401 12.03 -15.41 22.28
N PHE A 402 10.98 -16.19 22.57
CA PHE A 402 10.15 -16.01 23.77
C PHE A 402 10.11 -17.30 24.55
N ASN A 403 10.60 -17.31 25.78
CA ASN A 403 10.60 -18.54 26.59
C ASN A 403 11.23 -19.66 25.77
N ASN A 404 12.33 -19.32 25.12
CA ASN A 404 13.09 -20.25 24.26
C ASN A 404 12.25 -20.87 23.13
N ILE A 405 11.32 -20.09 22.60
CA ILE A 405 10.48 -20.47 21.46
C ILE A 405 10.64 -19.43 20.39
N ALA A 406 11.31 -19.77 19.29
CA ALA A 406 11.57 -18.78 18.26
C ALA A 406 10.28 -18.59 17.46
N LYS A 407 9.46 -17.64 17.89
CA LYS A 407 8.16 -17.42 17.27
C LYS A 407 8.30 -16.48 16.07
N LEU A 408 7.52 -16.69 15.01
CA LEU A 408 7.52 -15.73 13.92
C LEU A 408 6.89 -14.42 14.41
N VAL A 409 7.55 -13.30 14.18
CA VAL A 409 6.98 -12.01 14.51
C VAL A 409 7.12 -11.06 13.32
N ALA A 410 6.43 -9.92 13.40
CA ALA A 410 6.71 -8.79 12.53
C ALA A 410 7.34 -7.74 13.44
N SER A 411 8.27 -6.95 12.91
CA SER A 411 8.83 -5.84 13.68
C SER A 411 9.38 -4.75 12.76
N ASN A 412 9.28 -3.48 13.18
CA ASN A 412 9.78 -2.37 12.39
C ASN A 412 11.25 -2.06 12.68
N TRP A 413 11.88 -2.85 13.55
CA TRP A 413 13.33 -2.82 13.73
C TRP A 413 13.99 -3.28 12.45
N TYR A 414 13.42 -4.32 11.87
CA TYR A 414 13.87 -4.87 10.61
C TYR A 414 13.93 -3.78 9.55
N ASN A 415 12.82 -3.08 9.38
CA ASN A 415 12.70 -2.05 8.36
C ASN A 415 13.71 -0.95 8.61
N ARG A 416 14.23 -0.91 9.85
CA ARG A 416 15.10 0.16 10.29
C ARG A 416 16.57 -0.19 10.13
N GLN A 417 16.92 -1.46 10.29
CA GLN A 417 18.29 -1.92 10.06
C GLN A 417 18.57 -2.03 8.56
N ILE A 418 17.50 -2.08 7.77
CA ILE A 418 17.59 -2.18 6.31
C ILE A 418 17.97 -0.83 5.69
N GLU A 419 17.90 0.25 6.47
CA GLU A 419 18.48 1.51 6.03
C GLU A 419 20.00 1.38 5.98
N ARG A 420 20.60 1.65 4.82
CA ARG A 420 22.06 1.72 4.67
C ARG A 420 22.85 0.49 5.17
N SER A 421 22.16 -0.64 5.37
CA SER A 421 22.84 -1.95 5.48
C SER A 421 22.14 -3.04 4.65
N SER A 422 22.85 -4.14 4.42
CA SER A 422 22.38 -5.20 3.54
C SER A 422 22.78 -6.56 4.11
N ARG A 423 23.01 -6.61 5.42
CA ARG A 423 23.39 -7.86 6.07
C ARG A 423 22.17 -8.77 6.25
N THR A 424 22.44 -9.96 6.77
CA THR A 424 21.43 -10.99 6.92
C THR A 424 20.69 -10.78 8.22
N LEU A 425 19.37 -10.85 8.18
CA LEU A 425 18.54 -10.63 9.35
C LEU A 425 17.57 -11.80 9.51
N GLY A 426 16.78 -11.79 10.57
CA GLY A 426 15.80 -12.83 10.81
C GLY A 426 14.54 -12.68 9.97
N CYS A 427 14.47 -11.58 9.22
CA CYS A 427 13.43 -11.37 8.24
C CYS A 427 13.85 -11.80 6.84
N SER A 428 15.13 -12.20 6.70
CA SER A 428 15.67 -12.70 5.42
C SER A 428 15.27 -14.17 5.17
N TRP A 429 14.45 -14.34 4.13
CA TRP A 429 13.80 -15.61 3.83
C TRP A 429 14.13 -16.11 2.44
N GLU A 430 13.88 -17.38 2.23
CA GLU A 430 14.00 -17.98 0.92
C GLU A 430 12.79 -18.93 0.75
N PHE A 431 12.17 -18.88 -0.42
CA PHE A 431 11.01 -19.71 -0.79
C PHE A 431 11.47 -20.88 -1.67
N ILE A 432 11.16 -22.10 -1.27
CA ILE A 432 11.65 -23.28 -1.98
C ILE A 432 10.48 -24.14 -2.46
N PRO A 433 10.26 -24.21 -3.79
CA PRO A 433 9.26 -25.15 -4.33
C PRO A 433 9.91 -26.49 -4.62
N VAL A 434 9.12 -27.53 -4.86
CA VAL A 434 9.65 -28.83 -5.24
C VAL A 434 10.20 -28.75 -6.65
N ASP A 435 11.30 -29.45 -6.91
CA ASP A 435 12.09 -29.29 -8.14
C ASP A 435 12.78 -30.61 -8.46
N ASP A 436 12.87 -30.96 -9.75
CA ASP A 436 13.52 -32.20 -10.20
C ASP A 436 15.03 -32.19 -10.06
N GLY A 437 15.62 -31.00 -9.98
CA GLY A 437 17.05 -30.85 -9.84
C GLY A 437 17.52 -31.15 -8.43
N TRP A 438 16.63 -31.04 -7.45
CA TRP A 438 16.99 -31.31 -6.07
C TRP A 438 16.69 -32.76 -5.70
N GLY A 439 15.50 -33.23 -6.07
CA GLY A 439 15.20 -34.66 -5.98
C GLY A 439 15.05 -35.25 -4.59
N GLU A 440 14.56 -34.46 -3.65
CA GLU A 440 14.24 -34.93 -2.30
C GLU A 440 12.79 -35.40 -2.26
N ARG A 441 12.46 -36.32 -1.36
CA ARG A 441 11.07 -36.76 -1.18
C ARG A 441 10.24 -35.66 -0.52
N PRO A 442 9.20 -35.16 -1.21
CA PRO A 442 8.41 -34.14 -0.51
C PRO A 442 7.67 -34.72 0.68
N LEU A 443 7.94 -34.16 1.85
CA LEU A 443 7.20 -34.36 3.09
C LEU A 443 7.99 -33.67 4.19
N ASN B 22 7.82 23.29 21.42
CA ASN B 22 7.54 23.95 22.70
C ASN B 22 7.95 25.42 22.68
N THR B 23 8.46 25.89 21.54
CA THR B 23 8.92 27.27 21.42
C THR B 23 7.77 28.25 21.63
N SER B 24 6.55 27.76 21.41
CA SER B 24 5.35 28.57 21.59
C SER B 24 5.29 29.04 23.03
N ILE B 25 5.24 30.36 23.21
CA ILE B 25 5.17 30.93 24.55
C ILE B 25 3.79 30.66 25.15
N LEU B 26 2.85 30.29 24.28
CA LEU B 26 1.55 29.77 24.72
C LEU B 26 1.11 28.67 23.76
N ASN B 27 0.36 27.72 24.29
CA ASN B 27 -0.04 26.57 23.49
C ASN B 27 -1.29 25.90 24.08
N LEU B 28 -2.45 26.45 23.76
CA LEU B 28 -3.73 26.00 24.32
C LEU B 28 -4.29 24.75 23.64
N ARG B 29 -4.26 23.63 24.36
CA ARG B 29 -4.83 22.39 23.87
C ARG B 29 -5.71 21.78 24.96
N TYR B 30 -6.39 20.68 24.65
CA TYR B 30 -7.33 20.05 25.57
C TYR B 30 -6.81 18.71 26.09
N GLU B 31 -6.36 18.68 27.34
CA GLU B 31 -5.88 17.46 27.99
C GLU B 31 -6.90 16.98 29.03
N SER B 32 -7.19 15.68 29.02
CA SER B 32 -8.12 15.09 29.99
C SER B 32 -9.48 15.77 29.95
N ASN B 33 -9.78 16.60 30.95
CA ASN B 33 -11.04 17.33 30.99
C ASN B 33 -10.86 18.80 31.41
N HIS B 34 -9.75 19.40 30.98
CA HIS B 34 -9.58 20.86 31.05
C HIS B 34 -8.44 21.38 30.15
N LEU B 35 -8.67 22.55 29.56
CA LEU B 35 -7.64 23.28 28.81
C LEU B 35 -6.52 23.73 29.73
N ILE B 36 -5.28 23.55 29.28
CA ILE B 36 -4.12 24.08 30.00
C ILE B 36 -3.09 24.66 29.02
N ASP B 37 -1.98 25.16 29.54
CA ASP B 37 -0.84 25.59 28.73
C ASP B 37 0.22 24.51 28.70
N LEU B 38 0.76 24.26 27.51
CA LEU B 38 1.75 23.20 27.31
C LEU B 38 3.17 23.74 27.18
N SER B 39 3.32 25.06 27.24
CA SER B 39 4.63 25.70 27.07
C SER B 39 5.54 25.45 28.25
N ARG B 40 6.54 26.31 28.39
CA ARG B 40 7.47 26.25 29.51
C ARG B 40 6.90 27.01 30.68
N TYR B 41 6.16 28.05 30.37
CA TYR B 41 5.71 28.99 31.38
C TYR B 41 4.41 28.53 32.03
N ALA B 42 3.97 27.31 31.71
CA ALA B 42 2.88 26.62 32.40
C ALA B 42 1.76 27.57 32.81
N SER B 43 1.43 28.49 31.91
CA SER B 43 0.48 29.57 32.19
C SER B 43 -0.95 29.07 32.41
N LYS B 44 -1.61 29.63 33.42
CA LYS B 44 -2.91 29.14 33.90
C LYS B 44 -4.06 29.68 33.08
N ILE B 45 -5.09 28.87 32.89
CA ILE B 45 -6.30 29.28 32.17
C ILE B 45 -7.52 29.09 33.04
N ASN B 46 -8.43 30.04 32.96
CA ASN B 46 -9.71 29.97 33.69
C ASN B 46 -10.88 29.99 32.74
N ILE B 47 -11.78 29.01 32.93
CA ILE B 47 -12.85 28.73 32.00
C ILE B 47 -14.14 29.45 32.40
N GLY B 48 -14.89 29.91 31.39
CA GLY B 48 -16.16 30.58 31.61
C GLY B 48 -17.27 29.60 31.96
N SER B 49 -18.36 30.14 32.49
CA SER B 49 -19.42 29.31 33.05
C SER B 49 -20.23 28.60 31.97
N LYS B 50 -20.20 29.12 30.75
CA LYS B 50 -20.94 28.51 29.63
C LYS B 50 -20.07 28.35 28.39
N VAL B 51 -19.07 27.48 28.49
CA VAL B 51 -18.21 27.12 27.37
C VAL B 51 -18.53 25.69 26.93
N ASN B 52 -18.80 25.51 25.64
CA ASN B 52 -19.12 24.20 25.08
C ASN B 52 -18.00 23.70 24.17
N PHE B 53 -17.20 22.80 24.71
CA PHE B 53 -16.19 22.10 23.92
C PHE B 53 -16.91 21.05 23.11
N ASP B 54 -16.37 20.73 21.95
CA ASP B 54 -16.99 19.74 21.07
C ASP B 54 -16.67 18.32 21.57
N PRO B 55 -17.70 17.49 21.86
CA PRO B 55 -17.44 16.13 22.34
C PRO B 55 -16.66 15.22 21.38
N ILE B 56 -16.68 15.50 20.09
CA ILE B 56 -15.88 14.73 19.13
C ILE B 56 -14.42 15.19 19.16
N ASP B 57 -14.23 16.49 19.30
CA ASP B 57 -12.91 17.11 19.28
C ASP B 57 -12.90 18.23 20.31
N LYS B 58 -12.64 17.87 21.56
CA LYS B 58 -12.72 18.80 22.68
C LYS B 58 -11.82 20.03 22.51
N ASN B 59 -10.99 20.04 21.46
CA ASN B 59 -10.12 21.17 21.17
C ASN B 59 -10.82 22.25 20.36
N GLN B 60 -12.05 21.97 19.94
CA GLN B 60 -12.89 22.94 19.26
C GLN B 60 -13.80 23.60 20.29
N ILE B 61 -13.75 24.93 20.36
CA ILE B 61 -14.32 25.68 21.46
C ILE B 61 -15.34 26.70 20.99
N GLN B 62 -16.59 26.53 21.43
CA GLN B 62 -17.64 27.47 21.05
C GLN B 62 -17.77 28.55 22.11
N LEU B 63 -17.81 29.80 21.65
CA LEU B 63 -17.98 30.93 22.55
C LEU B 63 -19.17 31.74 22.10
N PHE B 64 -20.02 32.10 23.06
CA PHE B 64 -21.29 32.75 22.77
C PHE B 64 -21.25 34.23 23.09
N ASN B 65 -22.35 34.91 22.78
CA ASN B 65 -22.51 36.32 23.10
C ASN B 65 -23.03 36.47 24.53
N LEU B 66 -22.33 35.86 25.48
CA LEU B 66 -22.68 35.96 26.89
C LEU B 66 -21.44 36.43 27.63
N GLU B 67 -21.62 37.06 28.79
CA GLU B 67 -20.50 37.47 29.62
C GLU B 67 -20.15 36.35 30.60
N SER B 68 -20.63 35.16 30.29
CA SER B 68 -20.41 33.97 31.11
C SER B 68 -19.60 32.94 30.32
N SER B 69 -19.73 32.99 28.99
CA SER B 69 -19.02 32.09 28.10
C SER B 69 -17.69 32.74 27.68
N LYS B 70 -16.60 32.35 28.34
CA LYS B 70 -15.32 33.02 28.11
C LYS B 70 -14.11 32.24 28.63
N ILE B 71 -12.92 32.63 28.17
CA ILE B 71 -11.67 32.07 28.65
C ILE B 71 -10.71 33.19 29.00
N GLU B 72 -10.00 33.03 30.11
CA GLU B 72 -8.99 33.99 30.55
C GLU B 72 -7.66 33.29 30.83
N VAL B 73 -6.66 33.60 30.01
CA VAL B 73 -5.34 32.99 30.16
C VAL B 73 -4.40 33.97 30.81
N ILE B 74 -3.91 33.63 31.99
CA ILE B 74 -3.02 34.52 32.73
C ILE B 74 -1.56 34.21 32.42
N LEU B 75 -0.85 35.22 31.94
CA LEU B 75 0.55 35.05 31.58
C LEU B 75 1.44 35.26 32.80
N LYS B 76 2.48 34.44 32.91
CA LYS B 76 3.57 34.75 33.83
C LYS B 76 4.14 36.08 33.36
N ASN B 77 4.72 36.84 34.28
CA ASN B 77 5.24 38.17 33.98
C ASN B 77 6.36 38.14 32.93
N ALA B 78 7.01 36.99 32.80
CA ALA B 78 8.09 36.79 31.83
C ALA B 78 7.61 37.00 30.39
N ILE B 79 6.38 36.53 30.11
CA ILE B 79 5.82 36.54 28.76
C ILE B 79 4.75 37.61 28.55
N VAL B 80 4.46 38.40 29.58
CA VAL B 80 3.68 39.60 29.37
C VAL B 80 4.53 40.54 28.55
N TYR B 81 3.93 41.11 27.50
CA TYR B 81 4.70 41.87 26.52
C TYR B 81 4.84 43.32 26.96
N ASN B 82 6.04 43.86 26.83
CA ASN B 82 6.29 45.26 27.19
C ASN B 82 7.54 45.78 26.51
N SER B 83 7.44 46.10 25.22
CA SER B 83 8.59 46.61 24.48
C SER B 83 8.19 47.26 23.17
N MET B 84 9.09 48.10 22.67
CA MET B 84 8.89 48.83 21.42
C MET B 84 9.51 48.11 20.21
N TYR B 85 10.20 46.98 20.45
CA TYR B 85 11.01 46.28 19.43
C TYR B 85 10.78 44.76 19.40
N GLU B 86 9.99 44.24 20.34
CA GLU B 86 9.81 42.79 20.48
C GLU B 86 8.87 42.17 19.44
N ASN B 87 9.44 41.42 18.50
CA ASN B 87 8.66 40.70 17.51
C ASN B 87 7.69 39.74 18.17
N PHE B 88 6.53 39.54 17.58
CA PHE B 88 5.59 38.52 18.06
C PHE B 88 4.59 38.08 16.99
N SER B 89 4.02 36.91 17.19
CA SER B 89 3.18 36.26 16.20
C SER B 89 2.23 35.27 16.86
N THR B 90 0.94 35.40 16.57
CA THR B 90 -0.09 34.50 17.09
C THR B 90 -0.80 33.79 15.94
N SER B 91 -1.23 32.53 16.20
CA SER B 91 -1.89 31.70 15.19
C SER B 91 -3.09 30.99 15.81
N PHE B 92 -4.19 30.90 15.07
CA PHE B 92 -5.39 30.22 15.54
C PHE B 92 -6.41 29.94 14.43
N TRP B 93 -7.09 28.80 14.52
CA TRP B 93 -8.16 28.47 13.59
C TRP B 93 -9.49 28.95 14.14
N ILE B 94 -10.31 29.58 13.31
CA ILE B 94 -11.65 30.00 13.71
C ILE B 94 -12.67 29.56 12.66
N ARG B 95 -13.87 29.22 13.11
CA ARG B 95 -14.96 28.92 12.19
C ARG B 95 -16.10 29.92 12.40
N ILE B 96 -16.12 30.95 11.55
CA ILE B 96 -17.00 32.09 11.75
C ILE B 96 -18.36 31.84 11.09
N PRO B 97 -19.43 31.72 11.90
CA PRO B 97 -20.75 31.51 11.28
C PRO B 97 -21.14 32.65 10.35
N LYS B 98 -22.13 32.40 9.50
CA LYS B 98 -22.54 33.38 8.52
C LYS B 98 -23.40 34.45 9.17
N TYR B 99 -23.09 35.71 8.88
CA TYR B 99 -23.88 36.82 9.40
C TYR B 99 -25.27 36.79 8.81
N PHE B 100 -26.27 36.82 9.70
CA PHE B 100 -27.67 36.65 9.31
C PHE B 100 -28.47 37.95 9.33
N ASN B 101 -28.07 38.90 10.17
CA ASN B 101 -28.85 40.12 10.38
C ASN B 101 -28.20 41.40 9.87
N SER B 102 -29.03 42.42 9.68
CA SER B 102 -28.58 43.74 9.24
C SER B 102 -27.84 44.47 10.36
N ILE B 103 -27.99 43.98 11.59
CA ILE B 103 -27.39 44.63 12.74
C ILE B 103 -25.86 44.47 12.77
N SER B 104 -25.37 43.34 12.25
CA SER B 104 -23.94 43.04 12.25
C SER B 104 -23.29 43.42 10.90
N LEU B 105 -23.87 44.41 10.22
CA LEU B 105 -23.30 44.95 8.99
C LEU B 105 -22.17 45.92 9.30
N ASN B 106 -22.47 46.92 10.15
CA ASN B 106 -21.44 47.80 10.70
C ASN B 106 -21.34 47.65 12.21
N ASN B 107 -20.46 46.74 12.63
CA ASN B 107 -20.26 46.49 14.06
C ASN B 107 -19.05 45.60 14.29
N GLU B 108 -17.89 46.21 14.43
CA GLU B 108 -16.68 45.46 14.76
C GLU B 108 -16.72 45.14 16.25
N TYR B 109 -16.78 43.85 16.58
CA TYR B 109 -16.68 43.40 17.98
C TYR B 109 -15.37 42.63 18.16
N THR B 110 -14.92 42.53 19.40
CA THR B 110 -13.63 41.91 19.71
C THR B 110 -13.87 40.50 20.22
N ILE B 111 -12.94 39.59 19.95
CA ILE B 111 -13.08 38.19 20.36
C ILE B 111 -11.88 37.67 21.15
N ILE B 112 -10.70 38.23 20.89
CA ILE B 112 -9.48 37.83 21.58
C ILE B 112 -8.63 39.04 21.87
N ASN B 113 -8.50 39.39 23.16
CA ASN B 113 -7.86 40.64 23.54
C ASN B 113 -6.72 40.51 24.54
N CYS B 114 -5.61 41.18 24.21
CA CYS B 114 -4.44 41.30 25.07
C CYS B 114 -4.07 42.77 25.21
N MET B 115 -4.92 43.51 25.90
CA MET B 115 -4.78 44.96 26.01
C MET B 115 -5.01 45.41 27.45
N GLU B 116 -4.22 46.40 27.88
CA GLU B 116 -4.35 46.99 29.21
C GLU B 116 -4.42 48.51 29.05
N ASN B 117 -5.61 49.07 29.27
CA ASN B 117 -5.84 50.51 29.13
C ASN B 117 -5.52 51.03 27.73
N ASN B 118 -6.05 50.34 26.72
CA ASN B 118 -5.89 50.73 25.31
C ASN B 118 -4.41 50.74 24.88
N SER B 119 -3.74 49.62 25.10
CA SER B 119 -2.35 49.47 24.67
C SER B 119 -1.96 48.00 24.58
N GLY B 120 -1.86 47.49 23.36
CA GLY B 120 -1.42 46.13 23.13
C GLY B 120 -1.92 45.64 21.79
N TRP B 121 -2.74 44.59 21.81
CA TRP B 121 -3.35 44.08 20.58
C TRP B 121 -4.63 43.29 20.82
N LYS B 122 -5.49 43.28 19.82
CA LYS B 122 -6.76 42.56 19.90
C LYS B 122 -7.16 42.00 18.54
N VAL B 123 -8.05 41.01 18.56
CA VAL B 123 -8.63 40.42 17.35
C VAL B 123 -10.11 40.77 17.29
N SER B 124 -10.56 41.28 16.15
CA SER B 124 -11.94 41.72 15.99
C SER B 124 -12.59 41.05 14.77
N LEU B 125 -13.87 41.38 14.55
CA LEU B 125 -14.69 40.73 13.52
C LEU B 125 -15.84 41.63 13.09
N ASN B 126 -16.12 41.65 11.79
CA ASN B 126 -17.26 42.40 11.26
C ASN B 126 -17.80 41.70 10.00
N TYR B 127 -18.80 42.31 9.36
CA TYR B 127 -19.40 41.76 8.14
C TYR B 127 -18.36 41.44 7.08
N GLY B 128 -18.03 40.16 6.96
CA GLY B 128 -16.99 39.76 6.04
C GLY B 128 -15.69 40.40 6.44
N GLU B 129 -15.35 40.30 7.73
CA GLU B 129 -14.08 40.82 8.22
C GLU B 129 -13.51 40.05 9.42
N ILE B 130 -12.19 39.86 9.39
CA ILE B 130 -11.40 39.56 10.57
C ILE B 130 -10.41 40.71 10.74
N ILE B 131 -10.48 41.43 11.85
CA ILE B 131 -9.65 42.61 12.03
C ILE B 131 -8.72 42.51 13.25
N TRP B 132 -7.44 42.49 12.95
CA TRP B 132 -6.38 42.49 13.94
C TRP B 132 -6.13 43.92 14.39
N THR B 133 -5.58 44.07 15.59
CA THR B 133 -5.35 45.41 16.11
C THR B 133 -4.11 45.47 16.99
N LEU B 134 -3.43 46.61 16.92
CA LEU B 134 -2.31 46.93 17.82
C LEU B 134 -2.70 48.21 18.53
N GLN B 135 -1.83 48.69 19.42
CA GLN B 135 -1.97 50.04 19.97
C GLN B 135 -0.73 50.34 20.79
N ASP B 136 -0.43 51.62 20.98
CA ASP B 136 0.74 52.02 21.75
C ASP B 136 0.36 52.68 23.08
N THR B 137 1.34 53.33 23.69
CA THR B 137 1.20 53.92 25.03
C THR B 137 0.71 55.36 24.98
N GLN B 138 0.56 55.90 23.77
CA GLN B 138 0.16 57.29 23.59
C GLN B 138 -0.60 57.47 22.27
N GLU B 139 -1.78 56.86 22.18
CA GLU B 139 -2.78 57.19 21.16
C GLU B 139 -2.58 56.52 19.80
N ILE B 140 -1.43 55.87 19.59
CA ILE B 140 -1.06 55.37 18.26
C ILE B 140 -1.24 53.85 18.10
N LYS B 141 -1.59 53.44 16.88
CA LYS B 141 -1.85 52.04 16.58
C LYS B 141 -1.71 51.75 15.09
N GLN B 142 -2.09 50.53 14.71
CA GLN B 142 -2.18 50.10 13.32
C GLN B 142 -3.18 48.95 13.26
N ARG B 143 -4.03 48.95 12.24
CA ARG B 143 -5.04 47.90 12.05
C ARG B 143 -4.76 47.08 10.79
N VAL B 144 -5.18 45.82 10.81
CA VAL B 144 -4.85 44.87 9.74
C VAL B 144 -6.06 43.98 9.49
N VAL B 145 -6.49 43.88 8.23
CA VAL B 145 -7.78 43.26 7.90
C VAL B 145 -7.72 42.22 6.79
N PHE B 146 -8.53 41.17 6.98
CA PHE B 146 -8.84 40.21 5.93
C PHE B 146 -10.33 40.34 5.61
N LYS B 147 -10.66 40.11 4.35
CA LYS B 147 -12.02 40.38 3.87
C LYS B 147 -12.54 39.24 2.97
N TYR B 148 -13.80 38.87 3.21
CA TYR B 148 -14.49 37.89 2.39
C TYR B 148 -15.92 38.37 2.19
N SER B 149 -16.51 38.01 1.05
CA SER B 149 -17.89 38.39 0.74
C SER B 149 -18.88 37.31 1.21
N GLN B 150 -20.12 37.72 1.43
CA GLN B 150 -21.22 36.78 1.72
C GLN B 150 -22.13 36.63 0.49
N MET B 151 -21.85 37.41 -0.54
CA MET B 151 -22.50 37.29 -1.84
C MET B 151 -21.59 36.43 -2.72
N ILE B 152 -21.48 35.16 -2.35
CA ILE B 152 -20.54 34.23 -2.98
C ILE B 152 -21.18 32.85 -3.15
N ASN B 153 -21.16 32.33 -4.37
CA ASN B 153 -21.74 31.02 -4.68
C ASN B 153 -21.17 29.91 -3.82
N ILE B 154 -19.85 29.80 -3.78
CA ILE B 154 -19.16 28.87 -2.88
C ILE B 154 -18.11 29.64 -2.09
N SER B 155 -18.18 29.56 -0.77
CA SER B 155 -17.25 30.30 0.08
C SER B 155 -16.25 29.38 0.77
N ASP B 156 -14.97 29.60 0.52
CA ASP B 156 -13.91 28.81 1.16
C ASP B 156 -13.62 29.30 2.58
N TYR B 157 -14.39 30.28 3.04
CA TYR B 157 -14.15 30.92 4.33
C TYR B 157 -15.38 30.89 5.22
N ILE B 158 -16.54 31.19 4.66
CA ILE B 158 -17.75 31.33 5.46
C ILE B 158 -18.08 30.06 6.24
N ASN B 159 -17.95 30.14 7.57
CA ASN B 159 -18.26 29.05 8.46
C ASN B 159 -17.44 27.80 8.15
N ARG B 160 -16.32 27.98 7.44
CA ARG B 160 -15.35 26.90 7.28
C ARG B 160 -14.14 27.20 8.17
N TRP B 161 -13.51 26.17 8.71
CA TRP B 161 -12.26 26.34 9.46
C TRP B 161 -11.15 26.81 8.53
N ILE B 162 -10.66 28.03 8.76
CA ILE B 162 -9.47 28.53 8.05
C ILE B 162 -8.39 28.81 9.08
N PHE B 163 -7.15 28.92 8.62
CA PHE B 163 -6.01 29.09 9.52
C PHE B 163 -5.52 30.53 9.57
N VAL B 164 -5.56 31.14 10.75
CA VAL B 164 -5.15 32.52 10.92
C VAL B 164 -3.72 32.56 11.43
N THR B 165 -2.93 33.51 10.93
CA THR B 165 -1.58 33.73 11.44
C THR B 165 -1.25 35.23 11.42
N ILE B 166 -1.04 35.81 12.60
CA ILE B 166 -0.58 37.19 12.73
C ILE B 166 0.93 37.20 12.97
N THR B 167 1.62 38.17 12.38
CA THR B 167 3.10 38.22 12.42
C THR B 167 3.66 39.63 12.50
N ASN B 168 4.05 40.00 13.71
CA ASN B 168 4.46 41.36 13.99
C ASN B 168 5.98 41.52 14.13
N ASN B 169 6.57 42.17 13.13
CA ASN B 169 7.96 42.64 13.20
C ASN B 169 7.95 44.15 13.26
N ARG B 170 8.67 44.70 14.25
CA ARG B 170 8.50 46.09 14.66
C ARG B 170 9.22 47.12 13.78
N LEU B 171 10.12 46.64 12.93
CA LEU B 171 10.85 47.49 11.99
C LEU B 171 10.16 47.52 10.62
N ASN B 172 9.88 46.34 10.08
CA ASN B 172 9.15 46.23 8.81
C ASN B 172 7.62 46.24 8.99
N ASN B 173 6.95 45.16 8.61
CA ASN B 173 5.50 45.15 8.47
C ASN B 173 4.79 44.19 9.44
N SER B 174 3.56 44.52 9.79
CA SER B 174 2.66 43.63 10.52
C SER B 174 1.71 43.01 9.51
N LYS B 175 1.69 41.68 9.46
CA LYS B 175 1.02 40.97 8.38
C LYS B 175 -0.04 40.01 8.85
N ILE B 176 -1.01 39.75 7.99
CA ILE B 176 -2.04 38.75 8.25
C ILE B 176 -2.15 37.74 7.10
N TYR B 177 -1.98 36.47 7.46
CA TYR B 177 -1.96 35.35 6.54
C TYR B 177 -3.22 34.54 6.75
N ILE B 178 -3.86 34.14 5.65
CA ILE B 178 -5.01 33.24 5.69
C ILE B 178 -4.76 31.97 4.89
N ASN B 179 -4.95 30.82 5.54
CA ASN B 179 -4.72 29.50 4.95
C ASN B 179 -3.30 29.30 4.40
N GLY B 180 -2.37 30.17 4.80
CA GLY B 180 -0.96 29.96 4.53
C GLY B 180 -0.31 31.04 3.69
N ARG B 181 -1.13 31.80 2.97
CA ARG B 181 -0.61 32.82 2.06
C ARG B 181 -1.00 34.22 2.53
N LEU B 182 -0.10 35.19 2.35
CA LEU B 182 -0.32 36.54 2.82
C LEU B 182 -1.44 37.26 2.06
N ILE B 183 -2.24 38.03 2.79
CA ILE B 183 -3.29 38.84 2.19
C ILE B 183 -3.00 40.30 2.47
N ASP B 184 -2.99 40.69 3.75
CA ASP B 184 -2.86 42.09 4.15
C ASP B 184 -1.65 42.33 5.05
N GLN B 185 -1.01 43.47 4.84
CA GLN B 185 0.19 43.85 5.58
C GLN B 185 0.16 45.34 5.78
N LYS B 186 0.56 45.78 6.97
CA LYS B 186 0.54 47.19 7.34
C LYS B 186 1.82 47.55 8.13
N PRO B 187 2.43 48.71 7.84
CA PRO B 187 3.68 49.08 8.53
C PRO B 187 3.45 49.68 9.92
N ILE B 188 4.41 49.41 10.81
CA ILE B 188 4.38 49.89 12.18
C ILE B 188 5.77 50.38 12.51
N SER B 189 6.48 50.82 11.46
CA SER B 189 7.80 51.40 11.59
C SER B 189 7.66 52.66 12.44
N ASN B 190 6.46 53.25 12.42
CA ASN B 190 6.11 54.37 13.29
C ASN B 190 5.99 53.92 14.73
N LEU B 191 5.21 52.87 14.96
CA LEU B 191 5.09 52.29 16.29
C LEU B 191 6.49 52.03 16.90
N GLY B 192 6.66 52.20 18.21
CA GLY B 192 5.59 52.55 19.14
C GLY B 192 5.63 51.57 20.29
N ASN B 193 5.99 52.04 21.49
CA ASN B 193 6.09 51.13 22.61
C ASN B 193 4.74 50.47 22.86
N ILE B 194 4.79 49.17 23.15
CA ILE B 194 3.60 48.35 23.33
C ILE B 194 3.73 47.63 24.67
N HIS B 195 2.66 47.66 25.44
CA HIS B 195 2.62 47.08 26.77
C HIS B 195 1.31 46.30 26.88
N ALA B 196 1.39 45.00 26.57
CA ALA B 196 0.21 44.16 26.43
C ALA B 196 -0.40 43.82 27.78
N SER B 197 -1.53 43.11 27.73
CA SER B 197 -2.24 42.66 28.93
C SER B 197 -1.58 41.46 29.60
N ASN B 198 -1.62 41.47 30.93
CA ASN B 198 -1.06 40.38 31.72
C ASN B 198 -1.82 39.08 31.45
N ASN B 199 -2.97 39.20 30.80
CA ASN B 199 -3.75 38.03 30.43
C ASN B 199 -4.32 38.18 29.03
N ILE B 200 -5.15 37.22 28.64
CA ILE B 200 -5.88 37.31 27.38
C ILE B 200 -7.30 36.81 27.62
N MET B 201 -8.28 37.61 27.22
CA MET B 201 -9.69 37.22 27.33
C MET B 201 -10.20 36.70 26.00
N PHE B 202 -10.98 35.63 26.04
CA PHE B 202 -11.60 35.07 24.85
C PHE B 202 -13.13 35.16 24.96
N LYS B 203 -13.72 36.27 24.52
CA LYS B 203 -15.17 36.42 24.52
C LYS B 203 -15.65 37.52 23.59
N LEU B 204 -16.90 37.42 23.15
CA LEU B 204 -17.47 38.34 22.17
C LEU B 204 -17.98 39.64 22.79
N ASP B 205 -17.08 40.48 23.28
CA ASP B 205 -17.48 41.74 23.89
C ASP B 205 -17.72 42.80 22.81
N GLY B 206 -18.95 43.30 22.72
CA GLY B 206 -19.29 44.32 21.74
C GLY B 206 -20.24 43.80 20.67
N CYS B 207 -20.51 42.50 20.70
CA CYS B 207 -21.38 41.86 19.72
C CYS B 207 -22.86 42.04 20.09
N ARG B 208 -23.59 42.75 19.23
CA ARG B 208 -24.99 43.06 19.49
C ARG B 208 -25.92 41.92 19.09
N ASP B 209 -25.53 41.16 18.06
CA ASP B 209 -26.29 39.96 17.67
C ASP B 209 -26.25 38.94 18.81
N THR B 210 -27.41 38.67 19.40
CA THR B 210 -27.50 37.85 20.62
C THR B 210 -27.10 36.38 20.45
N HIS B 211 -27.45 35.78 19.31
CA HIS B 211 -27.16 34.37 19.07
C HIS B 211 -25.93 34.21 18.18
N ARG B 212 -25.05 35.20 18.25
CA ARG B 212 -23.80 35.16 17.53
C ARG B 212 -22.78 34.43 18.37
N TYR B 213 -21.91 33.68 17.71
CA TYR B 213 -20.86 32.94 18.42
C TYR B 213 -19.69 32.73 17.48
N ILE B 214 -18.64 32.10 17.99
CA ILE B 214 -17.58 31.60 17.14
C ILE B 214 -17.10 30.25 17.62
N TRP B 215 -16.61 29.45 16.68
CA TRP B 215 -15.89 28.23 17.00
C TRP B 215 -14.42 28.55 16.78
N ILE B 216 -13.55 28.10 17.68
CA ILE B 216 -12.16 28.46 17.58
C ILE B 216 -11.29 27.35 18.18
N LYS B 217 -10.04 27.23 17.72
CA LYS B 217 -9.15 26.21 18.26
C LYS B 217 -7.69 26.48 17.93
N TYR B 218 -6.83 25.56 18.41
CA TYR B 218 -5.37 25.63 18.28
C TYR B 218 -4.83 27.04 18.39
N PHE B 219 -4.83 27.59 19.60
CA PHE B 219 -4.33 28.94 19.79
C PHE B 219 -2.91 28.92 20.32
N ASN B 220 -2.09 29.80 19.75
CA ASN B 220 -0.68 29.88 20.09
C ASN B 220 -0.25 31.31 20.37
N LEU B 221 1.04 31.47 20.57
CA LEU B 221 1.66 32.79 20.69
C LEU B 221 3.17 32.56 20.50
N PHE B 222 3.81 33.38 19.66
CA PHE B 222 5.22 33.18 19.31
C PHE B 222 6.11 34.39 19.64
N ASP B 223 7.42 34.15 19.67
CA ASP B 223 8.39 35.17 20.07
C ASP B 223 8.98 35.89 18.87
N LYS B 224 8.83 35.31 17.68
CA LYS B 224 9.43 35.86 16.48
C LYS B 224 8.43 36.03 15.37
N GLU B 225 8.90 36.56 14.25
CA GLU B 225 8.11 36.70 13.04
C GLU B 225 8.25 35.45 12.19
N LEU B 226 7.28 34.54 12.32
CA LEU B 226 7.30 33.28 11.59
C LEU B 226 7.54 33.48 10.09
N ASN B 227 8.33 32.59 9.49
CA ASN B 227 8.55 32.59 8.04
C ASN B 227 7.54 31.66 7.35
N GLU B 228 7.31 31.90 6.06
CA GLU B 228 6.29 31.19 5.31
C GLU B 228 6.44 29.69 5.39
N LYS B 229 7.65 29.22 5.68
CA LYS B 229 7.88 27.79 5.81
C LYS B 229 7.29 27.31 7.13
N GLU B 230 7.49 28.09 8.18
CA GLU B 230 6.94 27.75 9.48
C GLU B 230 5.42 27.76 9.38
N ILE B 231 4.88 28.87 8.88
CA ILE B 231 3.44 29.11 8.78
C ILE B 231 2.69 28.02 8.01
N LYS B 232 3.38 27.38 7.08
CA LYS B 232 2.75 26.37 6.25
C LYS B 232 2.98 24.96 6.82
N ASP B 233 4.23 24.62 7.15
CA ASP B 233 4.53 23.32 7.74
C ASP B 233 3.76 23.12 9.04
N LEU B 234 3.25 24.21 9.59
CA LEU B 234 2.34 24.15 10.73
C LEU B 234 0.90 24.02 10.23
N TYR B 235 0.55 24.85 9.26
CA TYR B 235 -0.78 24.80 8.68
C TYR B 235 -1.03 23.42 8.11
N ASP B 236 -0.11 22.96 7.27
CA ASP B 236 -0.19 21.65 6.64
C ASP B 236 -0.47 20.52 7.63
N ASN B 237 0.15 20.58 8.81
CA ASN B 237 0.08 19.48 9.79
C ASN B 237 -1.00 19.68 10.85
N GLN B 238 -1.55 20.90 10.93
CA GLN B 238 -2.68 21.19 11.83
C GLN B 238 -4.00 21.01 11.09
N SER B 239 -3.91 20.71 9.80
CA SER B 239 -5.05 20.21 9.05
C SER B 239 -5.29 18.75 9.41
N ASN B 240 -4.32 18.15 10.10
CA ASN B 240 -4.36 16.74 10.47
C ASN B 240 -4.76 15.83 9.31
N SER B 241 -3.90 15.74 8.30
CA SER B 241 -4.04 14.72 7.27
C SER B 241 -4.11 13.34 7.95
N GLY B 242 -4.60 12.33 7.24
CA GLY B 242 -4.83 11.04 7.85
C GLY B 242 -6.25 10.93 8.36
N ILE B 243 -6.95 12.07 8.32
CA ILE B 243 -8.34 12.15 8.77
C ILE B 243 -9.16 12.96 7.77
N LEU B 244 -10.25 12.38 7.29
CA LEU B 244 -11.15 13.05 6.34
C LEU B 244 -12.11 14.02 7.01
N LYS B 245 -12.20 15.22 6.46
CA LYS B 245 -13.09 16.24 6.97
C LYS B 245 -14.33 16.32 6.10
N ASP B 246 -15.36 16.97 6.62
CA ASP B 246 -16.52 17.32 5.83
C ASP B 246 -16.25 18.67 5.15
N PHE B 247 -17.32 19.39 4.82
CA PHE B 247 -17.17 20.67 4.15
C PHE B 247 -16.80 21.78 5.12
N TRP B 248 -17.39 21.74 6.31
CA TRP B 248 -17.20 22.80 7.29
C TRP B 248 -15.80 22.76 7.88
N GLY B 249 -15.18 21.59 7.85
CA GLY B 249 -13.81 21.44 8.32
C GLY B 249 -13.70 20.51 9.50
N ASP B 250 -14.84 20.22 10.12
CA ASP B 250 -14.93 19.22 11.19
C ASP B 250 -14.60 17.85 10.62
N TYR B 251 -14.35 16.89 11.51
CA TYR B 251 -14.05 15.53 11.10
C TYR B 251 -15.20 14.85 10.37
N LEU B 252 -14.90 14.21 9.24
CA LEU B 252 -15.87 13.38 8.58
C LEU B 252 -16.09 12.15 9.45
N GLN B 253 -17.35 11.85 9.71
CA GLN B 253 -17.72 10.77 10.61
C GLN B 253 -18.56 9.73 9.91
N TYR B 254 -18.77 8.61 10.58
CA TYR B 254 -19.73 7.60 10.14
C TYR B 254 -21.11 7.89 10.70
N ASP B 255 -22.14 7.50 9.94
CA ASP B 255 -23.54 7.59 10.40
C ASP B 255 -24.03 9.02 10.56
N LYS B 256 -23.49 9.92 9.72
CA LYS B 256 -23.93 11.30 9.70
C LYS B 256 -24.42 11.60 8.29
N PRO B 257 -25.66 12.13 8.16
CA PRO B 257 -26.12 12.47 6.80
C PRO B 257 -25.43 13.72 6.25
N TYR B 258 -25.08 13.69 4.96
CA TYR B 258 -24.39 14.80 4.32
C TYR B 258 -25.06 15.12 3.00
N TYR B 259 -25.07 16.41 2.64
CA TYR B 259 -25.34 16.79 1.27
C TYR B 259 -24.02 16.81 0.51
N MET B 260 -24.04 16.43 -0.76
CA MET B 260 -22.81 16.27 -1.51
C MET B 260 -22.53 17.46 -2.41
N LEU B 261 -21.25 17.83 -2.49
CA LEU B 261 -20.80 18.80 -3.47
C LEU B 261 -19.60 18.24 -4.24
N ASN B 262 -19.49 18.69 -5.48
CA ASN B 262 -18.39 18.34 -6.38
C ASN B 262 -17.72 19.63 -6.85
N LEU B 263 -16.41 19.75 -6.64
CA LEU B 263 -15.68 20.98 -6.92
C LEU B 263 -15.42 21.21 -8.42
N TYR B 264 -15.90 20.30 -9.26
CA TYR B 264 -15.75 20.43 -10.71
C TYR B 264 -17.05 20.80 -11.40
N ASP B 265 -18.17 20.41 -10.79
CA ASP B 265 -19.48 20.73 -11.33
C ASP B 265 -20.43 21.07 -10.17
N PRO B 266 -20.20 22.23 -9.53
CA PRO B 266 -20.94 22.66 -8.34
C PRO B 266 -22.41 23.06 -8.57
N ASN B 267 -22.76 23.51 -9.77
CA ASN B 267 -24.12 23.99 -10.05
C ASN B 267 -25.08 22.83 -10.37
N LYS B 268 -24.81 21.67 -9.77
CA LYS B 268 -25.64 20.49 -9.95
C LYS B 268 -25.81 19.81 -8.60
N TYR B 269 -26.57 18.73 -8.56
CA TYR B 269 -26.75 17.97 -7.31
C TYR B 269 -27.08 16.50 -7.56
N VAL B 270 -26.62 15.66 -6.63
CA VAL B 270 -26.78 14.22 -6.77
C VAL B 270 -28.23 13.85 -6.68
N ASP B 271 -28.71 13.09 -7.66
CA ASP B 271 -30.06 12.58 -7.62
C ASP B 271 -30.10 11.14 -8.14
N VAL B 272 -31.25 10.48 -7.93
CA VAL B 272 -31.48 9.11 -8.34
C VAL B 272 -32.92 9.01 -8.83
N ASN B 273 -33.08 8.89 -10.13
CA ASN B 273 -34.40 8.97 -10.77
C ASN B 273 -35.21 7.69 -10.57
N ASN B 274 -34.54 6.55 -10.72
CA ASN B 274 -35.14 5.24 -10.48
C ASN B 274 -34.19 4.37 -9.67
N VAL B 275 -34.70 3.76 -8.61
CA VAL B 275 -33.89 3.01 -7.67
C VAL B 275 -33.70 1.59 -8.17
N GLY B 276 -32.62 0.94 -7.73
CA GLY B 276 -32.30 -0.41 -8.15
C GLY B 276 -31.19 -0.39 -9.19
N ILE B 277 -30.75 -1.57 -9.60
CA ILE B 277 -29.64 -1.70 -10.55
C ILE B 277 -30.11 -1.39 -11.97
N ARG B 278 -30.79 -0.26 -12.14
CA ARG B 278 -31.50 0.02 -13.39
C ARG B 278 -31.54 1.51 -13.73
N GLY B 279 -31.65 2.34 -12.71
CA GLY B 279 -31.56 3.78 -12.90
C GLY B 279 -30.11 4.19 -12.89
N TYR B 280 -29.80 5.37 -12.35
CA TYR B 280 -28.43 5.81 -12.22
C TYR B 280 -28.30 7.04 -11.33
N MET B 281 -27.25 7.05 -10.51
CA MET B 281 -26.84 8.26 -9.81
C MET B 281 -26.35 9.21 -10.87
N TYR B 282 -26.69 10.48 -10.74
CA TYR B 282 -26.29 11.45 -11.75
C TYR B 282 -26.33 12.87 -11.20
N LEU B 283 -25.56 13.76 -11.81
CA LEU B 283 -25.60 15.16 -11.46
C LEU B 283 -26.73 15.84 -12.21
N LYS B 284 -27.55 16.58 -11.48
CA LYS B 284 -28.81 17.10 -12.00
C LYS B 284 -28.93 18.56 -11.62
N GLY B 285 -29.75 19.29 -12.36
CA GLY B 285 -29.95 20.70 -12.11
C GLY B 285 -30.19 21.46 -13.40
N PRO B 286 -29.78 22.74 -13.46
CA PRO B 286 -29.17 23.58 -12.43
C PRO B 286 -29.86 23.54 -11.07
N ARG B 287 -29.10 23.71 -9.99
CA ARG B 287 -29.66 23.75 -8.64
C ARG B 287 -30.31 25.12 -8.38
N GLY B 288 -30.08 25.69 -7.20
CA GLY B 288 -30.61 27.00 -6.89
C GLY B 288 -29.69 27.83 -6.01
N SER B 289 -30.30 28.60 -5.12
CA SER B 289 -29.60 29.65 -4.38
C SER B 289 -30.20 29.84 -3.00
N VAL B 290 -29.58 30.70 -2.19
CA VAL B 290 -30.10 31.07 -0.87
C VAL B 290 -29.84 32.54 -0.64
N MET B 291 -30.84 33.24 -0.09
CA MET B 291 -30.81 34.71 -0.05
C MET B 291 -31.12 35.30 1.34
N THR B 292 -30.66 36.52 1.54
CA THR B 292 -31.22 37.41 2.54
C THR B 292 -30.89 38.84 2.08
N THR B 293 -31.90 39.71 2.12
CA THR B 293 -31.76 41.07 1.63
C THR B 293 -30.57 41.80 2.28
N ASN B 294 -29.60 42.19 1.46
CA ASN B 294 -28.43 42.97 1.90
C ASN B 294 -27.44 42.18 2.75
N ILE B 295 -27.83 41.00 3.21
CA ILE B 295 -26.98 40.18 4.05
C ILE B 295 -26.15 39.20 3.22
N TYR B 296 -26.80 38.26 2.55
CA TYR B 296 -26.08 37.26 1.75
C TYR B 296 -26.87 36.72 0.55
N LEU B 297 -26.13 36.21 -0.43
CA LEU B 297 -26.74 35.54 -1.58
C LEU B 297 -25.83 34.41 -2.10
N ASN B 298 -26.00 33.21 -1.54
CA ASN B 298 -25.08 32.10 -1.81
C ASN B 298 -25.75 31.03 -2.68
N SER B 299 -25.15 29.84 -2.72
CA SER B 299 -25.73 28.70 -3.42
C SER B 299 -26.34 27.73 -2.43
N SER B 300 -27.42 27.08 -2.84
CA SER B 300 -28.13 26.13 -1.99
C SER B 300 -27.33 24.83 -1.85
N LEU B 301 -26.84 24.58 -0.65
CA LEU B 301 -26.03 23.39 -0.37
C LEU B 301 -26.93 22.23 -0.03
N TYR B 302 -27.98 22.52 0.74
CA TYR B 302 -28.87 21.49 1.24
C TYR B 302 -29.74 20.94 0.13
N ARG B 303 -29.11 20.30 -0.82
CA ARG B 303 -29.80 19.74 -1.97
C ARG B 303 -29.22 18.38 -2.38
N GLY B 304 -30.04 17.60 -3.08
CA GLY B 304 -29.61 16.31 -3.58
C GLY B 304 -29.96 15.23 -2.59
N THR B 305 -29.55 14.00 -2.91
CA THR B 305 -29.77 12.86 -2.03
C THR B 305 -28.61 12.72 -1.04
N LYS B 306 -28.94 12.59 0.24
CA LYS B 306 -27.91 12.55 1.27
C LYS B 306 -27.09 11.28 1.18
N PHE B 307 -25.76 11.41 1.25
CA PHE B 307 -24.89 10.26 1.36
C PHE B 307 -24.63 10.00 2.83
N ILE B 308 -24.59 8.73 3.20
CA ILE B 308 -24.15 8.33 4.54
C ILE B 308 -23.08 7.26 4.41
N ILE B 309 -22.01 7.41 5.17
CA ILE B 309 -20.89 6.49 5.07
C ILE B 309 -21.03 5.45 6.15
N LYS B 310 -20.99 4.17 5.75
CA LYS B 310 -21.15 3.07 6.69
C LYS B 310 -19.82 2.34 6.89
N LYS B 311 -19.62 1.84 8.11
CA LYS B 311 -18.39 1.18 8.46
C LYS B 311 -18.33 -0.20 7.82
N TYR B 312 -17.28 -0.44 7.05
CA TYR B 312 -17.06 -1.77 6.51
C TYR B 312 -16.83 -2.75 7.65
N ALA B 313 -15.65 -2.70 8.27
CA ALA B 313 -15.34 -3.51 9.44
C ALA B 313 -16.38 -3.24 10.53
N SER B 314 -17.56 -3.83 10.38
CA SER B 314 -18.67 -3.66 11.31
C SER B 314 -18.75 -4.87 12.24
N ASP B 318 -15.17 4.40 17.82
CA ASP B 318 -14.76 5.71 17.33
C ASP B 318 -15.36 5.95 15.94
N ASN B 319 -16.10 7.05 15.81
CA ASN B 319 -16.92 7.29 14.63
C ASN B 319 -16.34 8.34 13.70
N ILE B 320 -15.05 8.24 13.41
CA ILE B 320 -14.38 9.20 12.52
C ILE B 320 -13.77 8.47 11.32
N VAL B 321 -13.83 9.09 10.16
CA VAL B 321 -13.29 8.50 8.94
C VAL B 321 -11.83 8.93 8.77
N ARG B 322 -10.92 7.95 8.81
CA ARG B 322 -9.50 8.22 8.62
C ARG B 322 -9.02 7.74 7.26
N ASN B 323 -7.78 8.08 6.95
CA ASN B 323 -7.14 7.66 5.72
C ASN B 323 -7.16 6.14 5.52
N ASN B 324 -7.67 5.72 4.36
CA ASN B 324 -7.63 4.31 3.94
C ASN B 324 -8.58 3.39 4.71
N ASP B 325 -9.60 3.99 5.32
CA ASP B 325 -10.73 3.25 5.87
C ASP B 325 -11.58 2.68 4.74
N ARG B 326 -12.03 1.44 4.91
CA ARG B 326 -12.97 0.82 3.99
C ARG B 326 -14.38 1.05 4.49
N VAL B 327 -15.32 1.29 3.58
CA VAL B 327 -16.66 1.75 3.95
C VAL B 327 -17.71 1.30 2.94
N TYR B 328 -18.98 1.49 3.31
CA TYR B 328 -20.08 1.46 2.35
C TYR B 328 -20.61 2.86 2.22
N ILE B 329 -20.95 3.26 1.01
CA ILE B 329 -21.65 4.51 0.81
C ILE B 329 -23.12 4.19 0.71
N ASN B 330 -23.93 4.95 1.43
CA ASN B 330 -25.37 4.83 1.34
C ASN B 330 -25.96 6.13 0.81
N VAL B 331 -27.18 6.03 0.28
CA VAL B 331 -27.83 7.13 -0.40
C VAL B 331 -29.29 7.11 -0.03
N VAL B 332 -29.82 8.27 0.38
CA VAL B 332 -31.19 8.37 0.82
C VAL B 332 -32.06 8.97 -0.28
N VAL B 333 -33.07 8.22 -0.72
CA VAL B 333 -34.01 8.74 -1.71
C VAL B 333 -35.44 8.50 -1.21
N LYS B 334 -36.24 9.57 -1.17
CA LYS B 334 -37.60 9.52 -0.66
C LYS B 334 -37.70 8.94 0.75
N ASN B 335 -36.77 9.37 1.62
CA ASN B 335 -36.86 9.11 3.07
C ASN B 335 -36.37 7.72 3.50
N LYS B 336 -35.98 6.89 2.54
CA LYS B 336 -35.42 5.58 2.82
C LYS B 336 -33.96 5.54 2.41
N GLU B 337 -33.20 4.63 3.00
CA GLU B 337 -31.76 4.52 2.75
C GLU B 337 -31.40 3.35 1.82
N TYR B 338 -30.59 3.66 0.80
CA TYR B 338 -30.23 2.70 -0.22
C TYR B 338 -28.71 2.60 -0.31
N ARG B 339 -28.22 1.47 -0.79
CA ARG B 339 -26.79 1.24 -0.86
C ARG B 339 -26.25 1.69 -2.22
N LEU B 340 -25.28 2.59 -2.21
CA LEU B 340 -24.57 2.94 -3.43
C LEU B 340 -23.86 1.69 -3.91
N ALA B 341 -23.85 1.47 -5.23
CA ALA B 341 -23.25 0.27 -5.79
C ALA B 341 -23.16 0.32 -7.31
N THR B 342 -22.40 -0.61 -7.87
CA THR B 342 -22.35 -0.80 -9.31
C THR B 342 -21.77 -2.17 -9.61
N ASN B 343 -21.40 -2.32 -10.89
CA ASN B 343 -20.65 -3.48 -11.32
C ASN B 343 -19.45 -3.04 -12.13
N ALA B 344 -18.28 -3.51 -11.69
CA ALA B 344 -17.04 -3.24 -12.39
C ALA B 344 -17.08 -3.91 -13.78
N SER B 345 -17.75 -5.07 -13.84
CA SER B 345 -17.68 -5.95 -14.99
C SER B 345 -18.12 -5.33 -16.33
N GLN B 346 -19.19 -4.54 -16.33
CA GLN B 346 -19.80 -4.11 -17.60
C GLN B 346 -18.85 -3.35 -18.55
N ALA B 347 -19.29 -3.16 -19.80
CA ALA B 347 -18.45 -2.64 -20.88
C ALA B 347 -18.06 -1.17 -20.71
N GLY B 348 -17.44 -0.60 -21.74
CA GLY B 348 -16.96 0.78 -21.71
C GLY B 348 -15.79 0.94 -20.76
N VAL B 349 -15.27 2.17 -20.67
CA VAL B 349 -14.12 2.44 -19.82
C VAL B 349 -14.56 2.89 -18.41
N GLU B 350 -15.50 3.83 -18.34
CA GLU B 350 -16.07 4.25 -17.05
C GLU B 350 -17.09 3.21 -16.58
N LYS B 351 -17.41 3.23 -15.29
CA LYS B 351 -18.34 2.28 -14.68
C LYS B 351 -19.49 2.97 -13.93
N ILE B 352 -20.62 3.13 -14.63
CA ILE B 352 -21.74 3.89 -14.11
C ILE B 352 -22.33 3.24 -12.86
N LEU B 353 -22.73 4.08 -11.92
CA LEU B 353 -23.21 3.63 -10.61
C LEU B 353 -24.74 3.55 -10.56
N SER B 354 -25.25 2.91 -9.51
CA SER B 354 -26.69 2.80 -9.27
C SER B 354 -26.92 2.69 -7.78
N ALA B 355 -28.16 2.83 -7.35
CA ALA B 355 -28.51 2.74 -5.94
C ALA B 355 -29.34 1.47 -5.72
N LEU B 356 -28.92 0.65 -4.77
CA LEU B 356 -29.59 -0.63 -4.51
C LEU B 356 -30.27 -0.64 -3.15
N GLU B 357 -31.46 -1.21 -3.10
CA GLU B 357 -32.00 -1.67 -1.82
C GLU B 357 -30.93 -2.57 -1.20
N ILE B 358 -30.50 -2.24 0.02
CA ILE B 358 -29.40 -2.94 0.68
C ILE B 358 -29.45 -4.47 0.66
N PRO B 359 -30.63 -5.06 0.92
CA PRO B 359 -30.74 -6.53 1.03
C PRO B 359 -30.50 -7.29 -0.26
N ASP B 360 -30.33 -6.61 -1.39
CA ASP B 360 -30.23 -7.27 -2.69
C ASP B 360 -29.07 -6.74 -3.56
N VAL B 361 -27.91 -6.47 -2.94
CA VAL B 361 -26.71 -6.11 -3.70
C VAL B 361 -26.12 -7.33 -4.43
N GLY B 362 -25.56 -8.27 -3.67
CA GLY B 362 -24.91 -9.42 -4.24
C GLY B 362 -23.40 -9.28 -4.14
N ASN B 363 -22.69 -9.71 -5.18
CA ASN B 363 -21.24 -9.52 -5.31
C ASN B 363 -20.98 -8.21 -6.06
N LEU B 364 -22.04 -7.42 -6.26
CA LEU B 364 -21.93 -6.11 -6.90
C LEU B 364 -20.89 -5.30 -6.13
N SER B 365 -20.04 -4.59 -6.85
CA SER B 365 -18.95 -3.86 -6.22
C SER B 365 -19.50 -2.60 -5.54
N GLN B 366 -19.20 -2.45 -4.25
CA GLN B 366 -19.78 -1.38 -3.43
C GLN B 366 -18.80 -0.82 -2.39
N VAL B 367 -17.80 -1.62 -2.03
CA VAL B 367 -16.77 -1.24 -1.07
C VAL B 367 -15.97 -0.03 -1.54
N VAL B 368 -16.08 1.07 -0.80
CA VAL B 368 -15.32 2.28 -1.11
C VAL B 368 -14.15 2.42 -0.13
N VAL B 369 -13.04 2.94 -0.63
CA VAL B 369 -11.92 3.31 0.21
C VAL B 369 -11.89 4.84 0.26
N MET B 370 -11.98 5.37 1.47
CA MET B 370 -11.99 6.80 1.71
C MET B 370 -10.56 7.33 1.74
N LYS B 371 -10.32 8.44 1.05
CA LYS B 371 -8.96 8.93 0.82
C LYS B 371 -8.80 10.46 0.98
N SER B 372 -7.77 10.84 1.74
CA SER B 372 -7.47 12.23 2.06
C SER B 372 -6.04 12.65 1.64
N LYS B 373 -5.26 11.70 1.12
CA LYS B 373 -3.85 11.94 0.82
C LYS B 373 -3.16 10.75 0.17
N ASN B 374 -2.26 11.05 -0.76
CA ASN B 374 -1.28 10.08 -1.24
C ASN B 374 -0.01 10.18 -0.39
N ASP B 375 -0.21 10.51 0.90
CA ASP B 375 0.89 10.60 1.86
C ASP B 375 2.02 11.48 1.32
N GLN B 376 3.25 11.25 1.75
CA GLN B 376 4.36 12.09 1.31
C GLN B 376 4.72 11.78 -0.13
N THR B 379 -1.87 15.35 -0.82
CA THR B 379 -3.27 15.47 -0.43
C THR B 379 -4.17 15.42 -1.65
N ASN B 380 -5.48 15.41 -1.42
CA ASN B 380 -6.46 15.30 -2.49
C ASN B 380 -7.89 15.52 -2.01
N LYS B 381 -8.67 16.26 -2.80
CA LYS B 381 -10.07 16.51 -2.50
C LYS B 381 -10.95 15.48 -3.22
N CYS B 382 -10.31 14.48 -3.83
CA CYS B 382 -10.99 13.25 -4.24
C CYS B 382 -11.21 12.42 -2.98
N LYS B 383 -12.32 11.71 -2.91
CA LYS B 383 -12.75 11.16 -1.62
C LYS B 383 -13.01 9.66 -1.55
N MET B 384 -13.56 9.09 -2.63
CA MET B 384 -14.15 7.76 -2.60
C MET B 384 -13.67 6.88 -3.73
N ASN B 385 -12.89 5.85 -3.41
CA ASN B 385 -12.42 4.91 -4.42
C ASN B 385 -13.21 3.62 -4.36
N LEU B 386 -13.94 3.34 -5.43
CA LEU B 386 -14.70 2.11 -5.53
C LEU B 386 -13.74 0.99 -5.86
N GLN B 387 -13.88 -0.12 -5.15
CA GLN B 387 -13.09 -1.33 -5.42
C GLN B 387 -14.05 -2.48 -5.69
N ASP B 388 -13.53 -3.68 -5.92
CA ASP B 388 -14.37 -4.88 -5.94
C ASP B 388 -14.06 -5.79 -4.75
N ASN B 389 -14.66 -6.97 -4.77
CA ASN B 389 -14.45 -7.93 -3.70
C ASN B 389 -13.36 -8.94 -4.05
N ASN B 390 -12.49 -8.55 -4.98
CA ASN B 390 -11.28 -9.31 -5.28
C ASN B 390 -10.07 -8.37 -5.33
N GLY B 391 -10.18 -7.26 -4.62
CA GLY B 391 -9.07 -6.35 -4.40
C GLY B 391 -8.80 -5.33 -5.50
N ASN B 392 -9.60 -5.37 -6.55
CA ASN B 392 -9.35 -4.50 -7.68
C ASN B 392 -10.08 -3.19 -7.57
N ASP B 393 -9.43 -2.12 -8.01
CA ASP B 393 -10.06 -0.81 -8.11
C ASP B 393 -11.05 -0.80 -9.27
N ILE B 394 -11.66 0.35 -9.47
CA ILE B 394 -12.72 0.52 -10.46
C ILE B 394 -12.67 1.98 -10.88
N GLY B 395 -12.44 2.85 -9.90
CA GLY B 395 -12.25 4.25 -10.15
C GLY B 395 -12.72 5.10 -8.97
N PHE B 396 -12.07 6.24 -8.77
CA PHE B 396 -12.54 7.21 -7.79
C PHE B 396 -13.91 7.63 -8.22
N ILE B 397 -14.82 7.83 -7.27
CA ILE B 397 -16.18 8.21 -7.63
C ILE B 397 -16.20 9.65 -8.16
N GLY B 398 -16.60 9.80 -9.41
CA GLY B 398 -16.70 11.10 -10.07
C GLY B 398 -17.97 11.14 -10.89
N PHE B 399 -17.86 11.54 -12.15
CA PHE B 399 -19.01 11.50 -13.04
C PHE B 399 -18.58 11.55 -14.50
N HIS B 400 -19.52 11.35 -15.41
CA HIS B 400 -19.23 11.25 -16.82
C HIS B 400 -20.52 11.44 -17.60
N GLN B 401 -20.42 12.13 -18.73
CA GLN B 401 -21.59 12.45 -19.54
C GLN B 401 -22.08 11.22 -20.34
N PHE B 402 -23.37 10.94 -20.23
CA PHE B 402 -24.01 9.88 -21.01
C PHE B 402 -25.40 10.32 -21.46
N ASN B 403 -25.58 10.50 -22.77
CA ASN B 403 -26.85 10.95 -23.33
C ASN B 403 -27.13 12.41 -22.95
N ASN B 404 -26.06 13.13 -22.59
CA ASN B 404 -26.18 14.47 -22.04
C ASN B 404 -26.71 14.43 -20.60
N ILE B 405 -26.60 13.25 -19.97
CA ILE B 405 -26.86 13.09 -18.55
C ILE B 405 -25.51 12.96 -17.85
N ALA B 406 -25.31 13.73 -16.79
CA ALA B 406 -24.06 13.69 -16.03
C ALA B 406 -24.12 12.59 -14.99
N LYS B 407 -24.00 11.34 -15.43
CA LYS B 407 -24.09 10.20 -14.51
C LYS B 407 -22.86 10.10 -13.61
N LEU B 408 -23.07 9.82 -12.32
CA LEU B 408 -21.94 9.51 -11.46
C LEU B 408 -21.34 8.19 -11.95
N VAL B 409 -20.02 8.11 -11.93
CA VAL B 409 -19.33 6.90 -12.38
C VAL B 409 -18.14 6.59 -11.47
N ALA B 410 -17.52 5.44 -11.72
CA ALA B 410 -16.21 5.13 -11.17
C ALA B 410 -15.28 4.87 -12.35
N SER B 411 -14.27 5.71 -12.51
CA SER B 411 -13.37 5.67 -13.67
C SER B 411 -11.90 5.76 -13.26
N ASN B 412 -11.16 4.66 -13.38
CA ASN B 412 -9.74 4.66 -13.01
C ASN B 412 -8.89 5.66 -13.79
N TRP B 413 -9.52 6.38 -14.72
CA TRP B 413 -8.86 7.47 -15.42
C TRP B 413 -8.50 8.55 -14.41
N TYR B 414 -9.35 8.73 -13.40
CA TYR B 414 -9.10 9.69 -12.33
C TYR B 414 -7.84 9.30 -11.57
N ASN B 415 -7.87 8.11 -10.99
CA ASN B 415 -6.78 7.55 -10.21
C ASN B 415 -5.46 7.78 -10.91
N ARG B 416 -5.47 7.54 -12.22
CA ARG B 416 -4.29 7.68 -13.04
C ARG B 416 -3.87 9.14 -13.14
N GLN B 417 -4.83 10.06 -12.99
CA GLN B 417 -4.55 11.49 -13.12
C GLN B 417 -4.26 12.21 -11.79
N ILE B 418 -4.53 11.53 -10.67
CA ILE B 418 -4.10 12.01 -9.35
C ILE B 418 -2.75 11.34 -9.04
N GLU B 419 -2.14 10.71 -10.03
CA GLU B 419 -0.97 9.90 -9.79
C GLU B 419 0.29 10.75 -9.51
N ARG B 420 0.98 10.42 -8.43
CA ARG B 420 2.34 10.94 -8.18
C ARG B 420 2.45 12.46 -8.24
N LEU B 425 -10.47 17.50 -9.32
CA LEU B 425 -10.96 17.03 -10.62
C LEU B 425 -12.47 16.81 -10.52
N GLY B 426 -13.02 15.98 -11.41
CA GLY B 426 -14.43 15.63 -11.35
C GLY B 426 -14.75 14.59 -10.28
N CYS B 427 -13.70 13.94 -9.77
CA CYS B 427 -13.83 12.97 -8.68
C CYS B 427 -13.63 13.65 -7.32
N SER B 428 -13.55 14.98 -7.34
CA SER B 428 -13.34 15.74 -6.13
C SER B 428 -14.68 16.17 -5.54
N TRP B 429 -14.89 15.74 -4.30
CA TRP B 429 -16.18 15.83 -3.62
C TRP B 429 -16.10 16.72 -2.39
N GLU B 430 -17.28 17.07 -1.86
CA GLU B 430 -17.37 17.74 -0.57
C GLU B 430 -18.63 17.27 0.17
N PHE B 431 -18.43 16.78 1.40
CA PHE B 431 -19.51 16.34 2.27
C PHE B 431 -20.03 17.49 3.11
N ILE B 432 -21.34 17.73 3.02
CA ILE B 432 -21.94 18.94 3.59
C ILE B 432 -23.10 18.60 4.53
N PRO B 433 -22.81 18.44 5.83
CA PRO B 433 -23.88 18.17 6.80
C PRO B 433 -24.57 19.45 7.26
N VAL B 434 -25.84 19.35 7.63
CA VAL B 434 -26.61 20.50 8.11
C VAL B 434 -25.95 21.18 9.31
N ASP B 435 -25.70 22.48 9.18
CA ASP B 435 -25.05 23.27 10.21
C ASP B 435 -25.86 24.55 10.40
N ASP B 436 -26.18 24.87 11.65
CA ASP B 436 -27.01 26.02 11.97
C ASP B 436 -26.22 27.33 11.95
N GLY B 437 -24.95 27.23 11.58
CA GLY B 437 -24.15 28.39 11.26
C GLY B 437 -24.17 28.67 9.77
N TRP B 438 -25.13 28.07 9.07
CA TRP B 438 -25.33 28.28 7.64
C TRP B 438 -26.77 28.73 7.41
N GLY B 439 -27.67 28.24 8.27
CA GLY B 439 -29.02 28.79 8.37
C GLY B 439 -29.97 28.34 7.28
N GLU B 440 -29.45 27.70 6.24
CA GLU B 440 -30.27 27.26 5.12
C GLU B 440 -31.37 26.30 5.60
N ARG B 441 -32.47 26.24 4.84
CA ARG B 441 -33.54 25.29 5.11
C ARG B 441 -33.25 23.96 4.40
N PRO B 442 -33.02 22.88 5.17
CA PRO B 442 -32.72 21.57 4.58
C PRO B 442 -33.98 20.80 4.16
N LEU B 443 -34.24 20.78 2.85
CA LEU B 443 -35.34 20.00 2.27
C LEU B 443 -35.29 20.17 0.75
N ALA C 41 -53.17 28.34 9.32
CA ALA C 41 -51.77 28.08 9.01
C ALA C 41 -51.54 26.61 8.70
N ASN C 42 -50.29 26.26 8.41
CA ASN C 42 -49.92 24.89 8.08
C ASN C 42 -50.90 24.27 7.10
N PHE C 43 -51.21 25.04 6.05
CA PHE C 43 -52.21 24.69 5.07
C PHE C 43 -51.52 24.24 3.77
N THR C 44 -52.25 23.53 2.92
CA THR C 44 -51.72 23.05 1.65
C THR C 44 -52.73 23.26 0.53
N ILE C 45 -52.46 24.26 -0.31
CA ILE C 45 -53.32 24.54 -1.47
C ILE C 45 -52.81 23.79 -2.69
N THR C 48 -55.51 26.15 -7.13
CA THR C 48 -55.75 27.41 -7.84
C THR C 48 -56.11 28.52 -6.85
N MET C 49 -55.98 29.77 -7.29
CA MET C 49 -56.20 30.92 -6.43
C MET C 49 -56.48 32.17 -7.27
N GLU C 50 -57.75 32.43 -7.52
CA GLU C 50 -58.17 33.54 -8.38
C GLU C 50 -58.54 34.80 -7.60
N ASN C 51 -58.31 35.96 -8.22
CA ASN C 51 -58.80 37.25 -7.73
C ASN C 51 -58.69 37.47 -6.23
N GLN C 52 -57.47 37.38 -5.71
CA GLN C 52 -57.23 37.45 -4.26
C GLN C 52 -56.25 38.56 -3.87
N ILE C 53 -56.76 39.58 -3.20
CA ILE C 53 -55.91 40.58 -2.56
C ILE C 53 -55.99 40.37 -1.06
N HIS C 54 -54.85 40.08 -0.45
CA HIS C 54 -54.77 39.81 0.97
C HIS C 54 -54.09 40.97 1.70
N THR C 55 -54.32 41.05 3.01
CA THR C 55 -53.74 42.13 3.81
C THR C 55 -53.50 41.69 5.25
N GLY C 56 -52.33 42.05 5.78
CA GLY C 56 -52.01 41.81 7.17
C GLY C 56 -52.20 40.36 7.59
N MET C 57 -51.63 39.43 6.82
CA MET C 57 -51.83 38.00 7.04
C MET C 57 -50.53 37.28 7.37
N GLU C 58 -50.61 36.39 8.36
CA GLU C 58 -49.47 35.57 8.76
C GLU C 58 -49.63 34.18 8.15
N TYR C 59 -49.00 33.98 7.00
CA TYR C 59 -49.01 32.69 6.33
C TYR C 59 -47.87 31.82 6.84
N ASP C 60 -48.18 30.94 7.79
CA ASP C 60 -47.16 30.13 8.45
C ASP C 60 -47.25 28.69 7.97
N ASN C 61 -46.20 28.25 7.29
CA ASN C 61 -46.12 26.87 6.82
C ASN C 61 -47.14 26.67 5.70
N GLY C 62 -47.10 27.57 4.72
CA GLY C 62 -48.07 27.57 3.65
C GLY C 62 -47.61 26.82 2.42
N ARG C 63 -48.24 25.67 2.17
CA ARG C 63 -47.91 24.85 1.02
C ARG C 63 -48.76 25.28 -0.18
N PHE C 64 -48.14 25.99 -1.11
CA PHE C 64 -48.80 26.40 -2.35
C PHE C 64 -48.39 25.43 -3.46
N ILE C 65 -48.73 24.16 -3.27
CA ILE C 65 -48.35 23.13 -4.23
C ILE C 65 -49.36 23.04 -5.38
N GLY C 66 -48.89 23.35 -6.58
CA GLY C 66 -49.70 23.24 -7.78
C GLY C 66 -50.79 24.29 -7.81
N VAL C 67 -50.40 25.55 -7.68
CA VAL C 67 -51.33 26.68 -7.76
C VAL C 67 -51.01 27.56 -8.96
N LYS C 68 -52.05 27.91 -9.71
CA LYS C 68 -51.95 28.95 -10.72
C LYS C 68 -52.53 30.21 -10.11
N PHE C 69 -51.71 31.23 -9.94
CA PHE C 69 -52.13 32.47 -9.31
C PHE C 69 -52.65 33.44 -10.36
N LYS C 70 -53.91 33.87 -10.22
CA LYS C 70 -54.55 34.73 -11.22
C LYS C 70 -55.21 35.95 -10.59
N SER C 71 -54.65 37.13 -10.87
CA SER C 71 -55.17 38.39 -10.33
C SER C 71 -55.05 38.46 -8.80
N VAL C 72 -54.11 37.68 -8.26
CA VAL C 72 -53.80 37.71 -6.84
C VAL C 72 -52.99 38.98 -6.56
N THR C 73 -52.83 39.32 -5.30
CA THR C 73 -51.86 40.32 -4.88
C THR C 73 -51.75 40.29 -3.35
N PHE C 74 -50.62 39.81 -2.84
CA PHE C 74 -50.40 39.77 -1.40
C PHE C 74 -49.84 41.09 -0.92
N LYS C 75 -50.23 41.53 0.28
CA LYS C 75 -49.85 42.86 0.76
C LYS C 75 -49.60 42.90 2.27
N ASP C 76 -48.49 43.53 2.66
CA ASP C 76 -48.12 43.68 4.07
C ASP C 76 -48.28 42.35 4.82
N SER C 77 -47.93 41.26 4.14
CA SER C 77 -48.14 39.90 4.63
C SER C 77 -46.83 39.16 4.83
N VAL C 78 -46.76 38.36 5.90
CA VAL C 78 -45.55 37.60 6.20
C VAL C 78 -45.74 36.13 5.85
N PHE C 79 -44.68 35.53 5.30
CA PHE C 79 -44.65 34.12 4.93
C PHE C 79 -43.56 33.36 5.70
N LYS C 80 -43.97 32.56 6.68
CA LYS C 80 -43.02 31.77 7.48
C LYS C 80 -42.96 30.33 6.98
N SER C 81 -41.75 29.83 6.77
CA SER C 81 -41.51 28.44 6.38
C SER C 81 -42.50 27.98 5.30
N CYS C 82 -42.75 28.86 4.34
CA CYS C 82 -43.68 28.58 3.25
C CYS C 82 -42.97 27.87 2.09
N THR C 83 -43.74 27.38 1.13
CA THR C 83 -43.20 26.73 -0.07
C THR C 83 -44.08 27.10 -1.26
N PHE C 84 -43.44 27.53 -2.34
CA PHE C 84 -44.12 27.79 -3.62
C PHE C 84 -43.51 26.84 -4.63
N GLU C 85 -44.15 25.69 -4.81
CA GLU C 85 -43.58 24.62 -5.61
C GLU C 85 -44.35 24.46 -6.92
N ASP C 86 -43.69 24.80 -8.02
CA ASP C 86 -44.24 24.63 -9.36
C ASP C 86 -45.53 25.43 -9.54
N VAL C 87 -45.53 26.67 -9.04
CA VAL C 87 -46.68 27.54 -9.22
C VAL C 87 -46.49 28.43 -10.42
N THR C 88 -47.60 28.97 -10.90
CA THR C 88 -47.63 29.92 -12.01
C THR C 88 -48.38 31.16 -11.52
N SER C 89 -48.08 32.31 -12.10
CA SER C 89 -48.65 33.56 -11.62
C SER C 89 -49.09 34.42 -12.79
N VAL C 90 -50.32 34.91 -12.71
CA VAL C 90 -50.88 35.76 -13.75
C VAL C 90 -51.46 37.02 -13.11
N ASN C 91 -50.74 38.12 -13.24
CA ASN C 91 -51.13 39.41 -12.67
C ASN C 91 -51.10 39.38 -11.16
N THR C 92 -49.98 38.95 -10.58
CA THR C 92 -49.84 38.85 -9.12
C THR C 92 -48.54 39.47 -8.62
N TYR C 93 -48.64 40.17 -7.50
CA TYR C 93 -47.53 40.94 -6.96
C TYR C 93 -47.47 40.73 -5.45
N PHE C 94 -46.26 40.77 -4.91
CA PHE C 94 -46.03 40.60 -3.48
C PHE C 94 -45.55 41.92 -2.90
N LYS C 95 -46.49 42.80 -2.59
CA LYS C 95 -46.14 44.15 -2.17
C LYS C 95 -45.93 44.25 -0.66
N ASN C 96 -44.78 44.80 -0.28
CA ASN C 96 -44.50 45.12 1.11
C ASN C 96 -44.50 43.88 2.02
N CYS C 97 -44.47 42.70 1.40
CA CYS C 97 -44.54 41.44 2.14
C CYS C 97 -43.18 41.07 2.67
N THR C 98 -43.11 39.94 3.37
CA THR C 98 -41.86 39.44 3.91
C THR C 98 -41.89 37.91 3.89
N PHE C 99 -40.80 37.29 3.46
CA PHE C 99 -40.70 35.84 3.31
C PHE C 99 -39.57 35.28 4.17
N ILE C 100 -39.88 34.32 5.04
CA ILE C 100 -38.90 33.77 5.98
C ILE C 100 -38.76 32.25 5.87
N ASP C 101 -37.53 31.79 5.63
CA ASP C 101 -37.22 30.36 5.48
C ASP C 101 -38.19 29.67 4.53
N THR C 102 -38.66 30.42 3.53
CA THR C 102 -39.58 29.89 2.54
C THR C 102 -38.78 29.25 1.42
N VAL C 103 -39.46 28.50 0.57
CA VAL C 103 -38.84 27.88 -0.59
C VAL C 103 -39.60 28.27 -1.85
N PHE C 104 -38.88 28.36 -2.96
CA PHE C 104 -39.48 28.60 -4.27
C PHE C 104 -38.87 27.64 -5.27
N ASP C 105 -39.72 26.89 -5.97
CA ASP C 105 -39.25 25.88 -6.91
C ASP C 105 -40.12 25.89 -8.17
N ASN C 106 -39.49 25.98 -9.33
CA ASN C 106 -40.18 25.93 -10.61
C ASN C 106 -41.28 26.99 -10.73
N THR C 107 -40.96 28.20 -10.32
CA THR C 107 -41.93 29.29 -10.34
C THR C 107 -41.68 30.20 -11.54
N ASP C 108 -42.73 30.87 -11.97
CA ASP C 108 -42.62 31.90 -13.00
C ASP C 108 -42.44 33.23 -12.32
N PHE C 109 -41.85 33.22 -11.12
CA PHE C 109 -41.64 34.44 -10.38
C PHE C 109 -40.45 35.22 -10.90
N GLU C 110 -40.69 36.49 -11.14
CA GLU C 110 -39.70 37.41 -11.64
C GLU C 110 -39.66 38.63 -10.71
N PRO C 111 -38.52 39.34 -10.70
CA PRO C 111 -38.30 40.47 -9.78
C PRO C 111 -39.40 41.51 -9.73
N TYR C 112 -40.06 41.80 -10.85
CA TYR C 112 -40.99 42.93 -10.91
C TYR C 112 -42.26 42.71 -10.07
N LYS C 113 -42.54 41.45 -9.74
CA LYS C 113 -43.70 41.11 -8.92
C LYS C 113 -43.41 41.35 -7.44
N PHE C 114 -42.20 41.81 -7.14
CA PHE C 114 -41.73 42.00 -5.77
C PHE C 114 -41.32 43.43 -5.53
N ILE C 115 -42.29 44.31 -5.48
CA ILE C 115 -42.06 45.73 -5.22
C ILE C 115 -41.70 45.94 -3.75
N ASP C 116 -40.43 46.30 -3.49
CA ASP C 116 -39.96 46.61 -2.15
C ASP C 116 -40.45 45.57 -1.14
N SER C 117 -40.27 44.31 -1.51
CA SER C 117 -40.61 43.18 -0.65
C SER C 117 -39.34 42.76 0.13
N GLU C 118 -39.36 41.57 0.73
CA GLU C 118 -38.33 41.19 1.71
C GLU C 118 -38.13 39.68 1.87
N PHE C 119 -36.95 39.18 1.50
CA PHE C 119 -36.59 37.76 1.60
C PHE C 119 -35.60 37.50 2.74
N LYS C 120 -35.85 36.42 3.49
CA LYS C 120 -35.10 36.15 4.72
C LYS C 120 -34.62 34.70 4.75
N ASN C 121 -33.33 34.51 4.45
CA ASN C 121 -32.76 33.17 4.41
C ASN C 121 -33.56 32.30 3.42
N CYS C 122 -33.94 32.90 2.31
CA CYS C 122 -34.88 32.28 1.38
C CYS C 122 -34.20 31.46 0.29
N SER C 123 -34.78 30.31 -0.01
CA SER C 123 -34.27 29.41 -1.04
C SER C 123 -35.02 29.67 -2.34
N PHE C 124 -34.35 29.42 -3.47
CA PHE C 124 -34.95 29.53 -4.78
C PHE C 124 -34.29 28.52 -5.71
N PHE C 125 -35.07 27.62 -6.26
CA PHE C 125 -34.58 26.59 -7.18
C PHE C 125 -35.17 26.80 -8.57
N VAL D 35 8.19 -59.45 -10.75
CA VAL D 35 9.09 -59.35 -11.88
C VAL D 35 10.00 -60.59 -11.92
N GLU D 36 10.85 -60.73 -10.90
CA GLU D 36 11.68 -61.90 -10.67
C GLU D 36 12.40 -61.68 -9.33
N ARG D 37 11.74 -60.98 -8.41
CA ARG D 37 12.24 -60.76 -7.06
C ARG D 37 11.06 -60.63 -6.13
N ASP D 38 11.25 -61.04 -4.89
CA ASP D 38 10.19 -60.99 -3.89
C ASP D 38 9.90 -59.54 -3.48
N LYS D 39 8.62 -59.23 -3.31
CA LYS D 39 8.17 -57.85 -3.21
C LYS D 39 6.90 -57.75 -2.36
N TYR D 40 6.89 -56.80 -1.44
CA TYR D 40 5.76 -56.65 -0.52
C TYR D 40 5.47 -55.16 -0.36
N ALA D 41 4.34 -54.71 -0.90
CA ALA D 41 4.07 -53.28 -1.04
C ALA D 41 2.80 -52.81 -0.35
N ASN D 42 2.57 -51.49 -0.41
CA ASN D 42 1.40 -50.82 0.19
C ASN D 42 0.93 -51.48 1.48
N PHE D 43 1.74 -51.36 2.53
CA PHE D 43 1.46 -52.04 3.79
C PHE D 43 1.90 -51.15 4.95
N THR D 44 1.19 -51.26 6.06
CA THR D 44 1.45 -50.45 7.24
C THR D 44 1.51 -51.37 8.44
N ILE D 45 2.69 -51.46 9.04
CA ILE D 45 2.95 -52.30 10.20
C ILE D 45 2.95 -51.44 11.47
N ASN D 46 2.10 -51.79 12.43
CA ASN D 46 1.63 -50.82 13.42
C ASN D 46 2.30 -50.84 14.80
N PHE D 47 2.91 -51.95 15.22
CA PHE D 47 3.33 -52.04 16.64
C PHE D 47 4.66 -52.72 16.95
N THR D 48 4.88 -53.94 16.52
CA THR D 48 6.09 -54.64 16.94
C THR D 48 6.50 -55.77 16.01
N MET D 49 7.81 -55.89 15.83
CA MET D 49 8.41 -56.98 15.05
C MET D 49 9.55 -57.59 15.87
N GLU D 50 9.53 -58.90 16.04
CA GLU D 50 10.56 -59.60 16.84
C GLU D 50 11.03 -60.86 16.15
N ASN D 51 12.35 -61.12 16.22
CA ASN D 51 12.95 -62.41 15.83
C ASN D 51 12.63 -62.93 14.42
N GLN D 52 13.07 -62.20 13.40
CA GLN D 52 12.84 -62.57 12.02
C GLN D 52 14.01 -62.10 11.21
N ILE D 53 14.51 -62.95 10.32
CA ILE D 53 15.61 -62.60 9.46
C ILE D 53 15.06 -62.56 8.05
N HIS D 54 14.83 -61.35 7.55
CA HIS D 54 14.22 -61.15 6.24
C HIS D 54 15.30 -60.90 5.22
N THR D 55 15.36 -61.74 4.18
CA THR D 55 16.36 -61.59 3.13
C THR D 55 15.72 -61.55 1.74
N GLY D 56 16.30 -60.77 0.83
CA GLY D 56 15.92 -60.83 -0.56
C GLY D 56 14.63 -60.10 -0.91
N MET D 57 14.18 -59.23 -0.02
CA MET D 57 12.87 -58.59 -0.16
C MET D 57 12.98 -57.20 -0.77
N GLU D 58 12.00 -56.83 -1.57
CA GLU D 58 11.74 -55.43 -1.90
C GLU D 58 10.51 -54.96 -1.12
N TYR D 59 10.64 -53.87 -0.36
CA TYR D 59 9.50 -53.28 0.35
C TYR D 59 9.12 -51.98 -0.34
N ASP D 60 8.07 -51.97 -1.16
CA ASP D 60 7.65 -50.77 -1.86
C ASP D 60 6.58 -50.02 -1.09
N ASN D 61 6.84 -48.75 -0.80
CA ASN D 61 5.93 -47.92 -0.03
C ASN D 61 5.30 -48.67 1.14
N GLY D 62 6.16 -49.01 2.09
CA GLY D 62 5.73 -49.62 3.34
C GLY D 62 5.98 -48.63 4.45
N ARG D 63 5.11 -48.66 5.46
CA ARG D 63 5.20 -47.78 6.61
C ARG D 63 5.65 -48.57 7.83
N PHE D 64 6.68 -48.08 8.53
CA PHE D 64 6.99 -48.59 9.88
C PHE D 64 6.79 -47.46 10.89
N ILE D 65 5.66 -47.48 11.58
CA ILE D 65 5.24 -46.34 12.40
C ILE D 65 4.92 -46.74 13.85
N GLY D 66 5.79 -46.35 14.77
CA GLY D 66 5.60 -46.67 16.17
C GLY D 66 6.12 -48.05 16.50
N VAL D 67 6.89 -48.59 15.56
CA VAL D 67 7.32 -49.97 15.60
C VAL D 67 8.48 -50.15 16.57
N LYS D 68 8.52 -51.29 17.23
CA LYS D 68 9.70 -51.70 17.96
C LYS D 68 10.30 -52.91 17.26
N PHE D 69 11.59 -52.82 16.95
CA PHE D 69 12.32 -53.92 16.35
C PHE D 69 13.15 -54.53 17.46
N LYS D 70 13.11 -55.85 17.56
CA LYS D 70 13.92 -56.57 18.55
C LYS D 70 14.59 -57.75 17.88
N SER D 71 15.90 -57.67 17.72
CA SER D 71 16.68 -58.75 17.12
C SER D 71 16.10 -59.16 15.76
N VAL D 72 15.71 -58.16 14.97
CA VAL D 72 15.23 -58.36 13.61
C VAL D 72 16.37 -58.07 12.65
N THR D 73 16.45 -58.80 11.55
CA THR D 73 17.53 -58.56 10.58
C THR D 73 16.99 -58.55 9.17
N PHE D 74 17.23 -57.45 8.46
CA PHE D 74 16.97 -57.40 7.04
C PHE D 74 18.33 -57.54 6.36
N LYS D 75 18.47 -58.53 5.47
CA LYS D 75 19.68 -58.65 4.65
C LYS D 75 19.35 -58.56 3.16
N ASP D 76 20.30 -58.10 2.36
CA ASP D 76 20.19 -58.15 0.89
C ASP D 76 18.80 -57.75 0.36
N SER D 77 18.31 -56.60 0.78
CA SER D 77 16.93 -56.22 0.49
C SER D 77 16.90 -54.82 -0.08
N VAL D 78 15.74 -54.38 -0.54
CA VAL D 78 15.58 -53.05 -1.10
C VAL D 78 14.35 -52.38 -0.49
N PHE D 79 14.49 -51.14 -0.04
CA PHE D 79 13.38 -50.38 0.54
C PHE D 79 13.06 -49.16 -0.31
N LYS D 80 11.86 -49.09 -0.89
CA LYS D 80 11.51 -48.00 -1.81
C LYS D 80 10.30 -47.15 -1.38
N SER D 81 10.51 -45.85 -1.15
CA SER D 81 9.43 -44.92 -0.83
C SER D 81 8.69 -45.32 0.44
N CYS D 82 9.46 -45.87 1.36
CA CYS D 82 8.95 -46.32 2.64
C CYS D 82 9.11 -45.20 3.68
N THR D 83 8.64 -45.44 4.90
CA THR D 83 8.73 -44.44 5.96
C THR D 83 8.99 -45.11 7.30
N PHE D 84 10.03 -44.66 8.00
CA PHE D 84 10.30 -45.07 9.38
C PHE D 84 9.98 -43.93 10.33
N GLU D 85 9.07 -44.16 11.28
CA GLU D 85 8.57 -43.08 12.13
C GLU D 85 8.35 -43.51 13.58
N ASP D 86 8.99 -42.79 14.51
CA ASP D 86 8.90 -43.09 15.93
C ASP D 86 9.28 -44.54 16.25
N VAL D 87 10.46 -44.98 15.81
CA VAL D 87 10.84 -46.38 15.92
C VAL D 87 11.94 -46.63 16.93
N THR D 88 12.02 -47.89 17.35
CA THR D 88 12.97 -48.34 18.34
C THR D 88 13.58 -49.64 17.81
N SER D 89 14.87 -49.83 18.07
CA SER D 89 15.60 -50.96 17.51
C SER D 89 16.59 -51.49 18.53
N VAL D 90 16.51 -52.78 18.82
CA VAL D 90 17.45 -53.44 19.72
C VAL D 90 18.09 -54.65 19.03
N ASN D 91 19.41 -54.61 18.88
CA ASN D 91 20.16 -55.66 18.17
C ASN D 91 19.60 -56.00 16.80
N THR D 92 19.14 -54.98 16.07
CA THR D 92 18.60 -55.15 14.73
C THR D 92 19.53 -54.45 13.76
N TYR D 93 19.54 -54.92 12.53
CA TYR D 93 20.57 -54.61 11.57
C TYR D 93 19.97 -54.65 10.19
N PHE D 94 20.50 -53.80 9.32
CA PHE D 94 20.16 -53.80 7.92
C PHE D 94 21.45 -54.05 7.14
N LYS D 95 21.65 -55.28 6.67
CA LYS D 95 22.89 -55.65 6.00
C LYS D 95 22.72 -55.72 4.49
N ASN D 96 23.57 -55.02 3.76
CA ASN D 96 23.56 -55.07 2.31
C ASN D 96 22.19 -54.64 1.78
N CYS D 97 21.64 -53.55 2.34
CA CYS D 97 20.29 -53.06 1.99
C CYS D 97 20.41 -51.74 1.23
N THR D 98 19.60 -51.56 0.19
CA THR D 98 19.54 -50.28 -0.46
C THR D 98 18.23 -49.64 -0.01
N PHE D 99 18.32 -48.39 0.43
CA PHE D 99 17.14 -47.65 0.78
C PHE D 99 16.94 -46.57 -0.27
N ILE D 100 15.74 -46.48 -0.84
CA ILE D 100 15.48 -45.47 -1.86
C ILE D 100 14.26 -44.62 -1.52
N ASP D 101 14.45 -43.31 -1.53
CA ASP D 101 13.36 -42.37 -1.36
C ASP D 101 12.64 -42.55 -0.01
N THR D 102 13.35 -43.12 0.98
CA THR D 102 12.73 -43.36 2.30
C THR D 102 13.13 -42.32 3.37
N VAL D 103 12.22 -42.13 4.31
CA VAL D 103 12.41 -41.21 5.41
C VAL D 103 12.62 -41.97 6.73
N PHE D 104 13.59 -41.51 7.52
CA PHE D 104 13.82 -41.97 8.88
C PHE D 104 13.50 -40.81 9.81
N ASP D 105 12.37 -40.91 10.50
CA ASP D 105 11.84 -39.79 11.28
C ASP D 105 11.65 -40.18 12.75
N ASN D 106 12.43 -39.57 13.64
CA ASN D 106 12.40 -39.93 15.05
C ASN D 106 12.67 -41.42 15.22
N THR D 107 13.83 -41.84 14.76
CA THR D 107 14.26 -43.23 14.82
C THR D 107 15.41 -43.28 15.81
N ASP D 108 15.81 -44.46 16.24
CA ASP D 108 16.95 -44.60 17.14
C ASP D 108 18.14 -45.12 16.36
N PHE D 109 18.09 -45.01 15.04
CA PHE D 109 19.06 -45.63 14.15
C PHE D 109 20.45 -45.01 14.24
N GLU D 110 21.44 -45.89 14.31
CA GLU D 110 22.83 -45.48 14.40
C GLU D 110 23.62 -46.09 13.26
N PRO D 111 24.83 -45.55 13.01
CA PRO D 111 25.74 -46.08 11.98
C PRO D 111 25.96 -47.58 12.06
N TYR D 112 26.11 -48.11 13.26
CA TYR D 112 26.51 -49.50 13.46
C TYR D 112 25.38 -50.49 13.14
N LYS D 113 24.22 -49.98 12.73
CA LYS D 113 23.07 -50.83 12.44
C LYS D 113 22.98 -51.18 10.96
N PHE D 114 23.40 -50.26 10.11
CA PHE D 114 23.39 -50.47 8.67
C PHE D 114 24.78 -50.88 8.24
N ILE D 115 24.94 -52.13 7.81
CA ILE D 115 26.27 -52.66 7.46
C ILE D 115 26.44 -52.86 5.94
N ASP D 116 27.57 -52.39 5.42
CA ASP D 116 27.85 -52.37 3.98
C ASP D 116 26.62 -51.82 3.32
N SER D 117 26.33 -50.57 3.70
CA SER D 117 25.05 -49.90 3.44
C SER D 117 25.05 -48.96 2.21
N GLU D 118 23.83 -48.57 1.79
CA GLU D 118 23.62 -47.59 0.72
C GLU D 118 22.28 -46.81 0.87
N PHE D 119 22.36 -45.48 0.69
CA PHE D 119 21.19 -44.57 0.74
C PHE D 119 21.10 -43.83 -0.57
N LYS D 120 19.91 -43.48 -0.98
CA LYS D 120 19.69 -42.87 -2.28
C LYS D 120 18.46 -41.99 -2.17
N ASN D 121 18.67 -40.68 -2.05
CA ASN D 121 17.57 -39.74 -1.88
C ASN D 121 16.76 -39.97 -0.57
N CYS D 122 17.47 -40.23 0.54
CA CYS D 122 16.84 -40.56 1.83
C CYS D 122 16.90 -39.46 2.86
N SER D 123 15.76 -39.10 3.43
CA SER D 123 15.68 -37.96 4.34
C SER D 123 15.80 -38.43 5.76
N PHE D 124 16.57 -37.70 6.55
CA PHE D 124 16.86 -38.08 7.92
C PHE D 124 16.35 -37.03 8.89
N PHE D 125 15.30 -37.38 9.62
CA PHE D 125 14.72 -36.51 10.62
C PHE D 125 14.99 -37.09 12.01
N HIS D 126 15.08 -36.20 13.00
CA HIS D 126 15.99 -36.40 14.12
C HIS D 126 15.61 -37.36 15.25
N ASN D 127 16.62 -38.06 15.75
CA ASN D 127 16.47 -39.05 16.80
C ASN D 127 16.26 -38.42 18.17
CL CL E . 18.57 -17.16 -5.54
CL CL F . 33.69 -21.34 -4.44
CL CL G . -8.98 -19.21 13.14
CL CL H . 14.23 -11.65 -4.63
CL CL I . 30.26 -24.60 -2.90
NA NA J . 27.50 -26.17 -3.08
NA NA K . 9.01 -19.80 -8.48
CL CL L . 30.75 -33.37 -3.38
#